data_9ISE
#
_entry.id   9ISE
#
_cell.length_a   64.973
_cell.length_b   200.316
_cell.length_c   240.327
_cell.angle_alpha   90.00
_cell.angle_beta   90.00
_cell.angle_gamma   90.00
#
_symmetry.space_group_name_H-M   'C 2 2 21'
#
loop_
_entity.id
_entity.type
_entity.pdbx_description
1 polymer 'C-1-tetrahydrofolate synthase, cytoplasmic, N-terminally processed'
2 non-polymer 'NADP NICOTINAMIDE-ADENINE-DINUCLEOTIDE PHOSPHATE'
3 non-polymer '(2S)-2-[[4-[[2,4-bis(azanyl)-6-oxidanylidene-1H-pyrimidin-5-yl]carbamoylamino]phenyl]carbonylamino]pentanedioic acid'
4 water water
#
_entity_poly.entity_id   1
_entity_poly.type   'polypeptide(L)'
_entity_poly.pdbx_seq_one_letter_code
;APAEILNGKEISAQIRARLKNQVTQLKEQVPGFTPRLAILQVGNRDDSNLYINVKLKAAEEIGIKATHIKLPRTTTESEV
MKYITSLNEDSTVHGFLVQLPLDSENSINTEEVINAIAPEKDVDGLTSINAGRLARGDLNDCFIPCTPKGCLELIKETGV
PIAGRHAVVVGRSKIVGAPMHDLLLWNNATVTTCHSKTAHLDEEVNKGDILVVATGQPEMVKGEWIKPGAIVIDCGINYV
PDDKKPNGRKVVGDVAYDEAKERASFITPVPGGVGPMTVAMLMQSTVESAKRFLEKFKPGLEHHHHHH
;
_entity_poly.pdbx_strand_id   A,B,C,D
#
# COMPACT_ATOMS: atom_id res chain seq x y z
N PRO A 2 3.66 13.59 30.28
CA PRO A 2 3.89 12.15 30.50
C PRO A 2 2.74 11.29 29.96
N ALA A 3 2.98 9.98 29.91
CA ALA A 3 2.02 9.06 29.33
C ALA A 3 0.71 9.02 30.12
N GLU A 4 -0.38 8.80 29.41
CA GLU A 4 -1.60 8.32 30.03
C GLU A 4 -1.43 6.85 30.45
N ILE A 5 -1.94 6.52 31.63
CA ILE A 5 -1.73 5.19 32.19
C ILE A 5 -2.88 4.30 31.72
N LEU A 6 -2.57 3.10 31.25
CA LEU A 6 -3.60 2.15 30.82
C LEU A 6 -3.98 1.34 32.06
N ASN A 7 -5.11 1.67 32.66
CA ASN A 7 -5.50 1.10 33.95
C ASN A 7 -6.09 -0.28 33.73
N GLY A 8 -5.24 -1.31 33.77
CA GLY A 8 -5.74 -2.67 33.57
C GLY A 8 -6.69 -3.14 34.67
N LYS A 9 -6.48 -2.68 35.91
CA LYS A 9 -7.43 -3.00 36.98
C LYS A 9 -8.84 -2.54 36.61
N GLU A 10 -8.98 -1.27 36.23
CA GLU A 10 -10.30 -0.72 35.92
C GLU A 10 -10.90 -1.34 34.67
N ILE A 11 -10.07 -1.55 33.64
CA ILE A 11 -10.61 -2.10 32.40
C ILE A 11 -11.07 -3.54 32.59
N SER A 12 -10.29 -4.33 33.34
CA SER A 12 -10.68 -5.72 33.56
C SER A 12 -11.94 -5.83 34.41
N ALA A 13 -12.14 -4.90 35.36
CA ALA A 13 -13.37 -4.90 36.16
C ALA A 13 -14.60 -4.67 35.29
N GLN A 14 -14.48 -3.77 34.31
CA GLN A 14 -15.55 -3.56 33.34
C GLN A 14 -15.83 -4.82 32.53
N ILE A 15 -14.78 -5.55 32.15
CA ILE A 15 -14.98 -6.77 31.37
C ILE A 15 -15.64 -7.85 32.24
N ARG A 16 -15.17 -8.02 33.46
CA ARG A 16 -15.73 -9.07 34.32
C ARG A 16 -17.18 -8.79 34.69
N ALA A 17 -17.55 -7.52 34.86
CA ALA A 17 -18.95 -7.18 35.13
C ALA A 17 -19.84 -7.50 33.93
N ARG A 18 -19.38 -7.18 32.73
CA ARG A 18 -20.14 -7.51 31.53
C ARG A 18 -20.33 -9.00 31.36
N LEU A 19 -19.27 -9.78 31.64
CA LEU A 19 -19.36 -11.24 31.59
C LEU A 19 -20.32 -11.77 32.67
N LYS A 20 -20.20 -11.26 33.89
CA LYS A 20 -21.13 -11.66 34.95
C LYS A 20 -22.56 -11.50 34.48
N ASN A 21 -22.89 -10.35 33.87
CA ASN A 21 -24.25 -10.13 33.40
C ASN A 21 -24.61 -11.04 32.25
N GLN A 22 -23.64 -11.35 31.38
CA GLN A 22 -23.91 -12.31 30.31
C GLN A 22 -24.27 -13.68 30.88
N VAL A 23 -23.48 -14.14 31.85
CA VAL A 23 -23.70 -15.45 32.45
C VAL A 23 -25.04 -15.47 33.19
N THR A 24 -25.34 -14.40 33.92
CA THR A 24 -26.63 -14.27 34.57
C THR A 24 -27.78 -14.38 33.57
N GLN A 25 -27.63 -13.69 32.45
CA GLN A 25 -28.71 -13.70 31.43
C GLN A 25 -28.78 -15.10 30.84
N LEU A 26 -27.62 -15.72 30.60
CA LEU A 26 -27.58 -17.08 30.07
C LEU A 26 -28.35 -18.03 30.97
N LYS A 27 -28.14 -17.94 32.29
CA LYS A 27 -28.81 -18.82 33.23
C LYS A 27 -30.32 -18.57 33.28
N GLU A 28 -30.74 -17.31 33.12
CA GLU A 28 -32.16 -17.01 32.98
C GLU A 28 -32.75 -17.64 31.73
N GLN A 29 -32.01 -17.60 30.62
CA GLN A 29 -32.54 -18.12 29.35
C GLN A 29 -32.58 -19.65 29.36
N VAL A 30 -31.54 -20.30 29.87
CA VAL A 30 -31.52 -21.76 29.93
C VAL A 30 -31.25 -22.17 31.37
N PRO A 31 -32.29 -22.37 32.18
CA PRO A 31 -32.09 -22.66 33.60
C PRO A 31 -31.24 -23.91 33.80
N GLY A 32 -30.43 -23.87 34.85
CA GLY A 32 -29.58 -25.00 35.19
C GLY A 32 -28.24 -25.02 34.50
N PHE A 33 -27.98 -24.11 33.58
CA PHE A 33 -26.73 -24.11 32.83
C PHE A 33 -25.75 -23.12 33.43
N THR A 34 -24.48 -23.51 33.48
CA THR A 34 -23.44 -22.69 34.05
C THR A 34 -22.13 -22.97 33.32
N PRO A 35 -21.40 -21.94 32.88
CA PRO A 35 -20.09 -22.16 32.30
C PRO A 35 -19.14 -22.81 33.29
N ARG A 36 -18.39 -23.81 32.82
CA ARG A 36 -17.51 -24.60 33.67
C ARG A 36 -16.10 -24.63 33.12
N LEU A 37 -15.14 -24.29 33.98
CA LEU A 37 -13.73 -24.24 33.68
C LEU A 37 -12.99 -25.22 34.57
N ALA A 38 -12.00 -25.91 34.00
CA ALA A 38 -11.09 -26.74 34.79
C ALA A 38 -9.66 -26.29 34.57
N ILE A 39 -8.88 -26.26 35.65
CA ILE A 39 -7.48 -25.92 35.60
C ILE A 39 -6.67 -27.11 36.14
N LEU A 40 -5.82 -27.67 35.29
CA LEU A 40 -4.89 -28.73 35.68
C LEU A 40 -3.52 -28.14 35.97
N GLN A 41 -2.92 -28.57 37.08
CA GLN A 41 -1.60 -28.13 37.45
C GLN A 41 -0.73 -29.35 37.74
N VAL A 42 0.56 -29.26 37.40
CA VAL A 42 1.54 -30.29 37.72
C VAL A 42 2.58 -29.68 38.62
N GLY A 43 2.78 -30.28 39.80
CA GLY A 43 3.71 -29.75 40.76
C GLY A 43 3.09 -28.75 41.70
N ASN A 44 3.97 -27.96 42.32
CA ASN A 44 3.50 -27.07 43.40
C ASN A 44 4.33 -25.79 43.39
N ARG A 45 4.53 -25.20 42.23
CA ARG A 45 5.23 -23.93 42.14
C ARG A 45 4.45 -22.81 42.83
N ASP A 46 5.16 -21.97 43.57
CA ASP A 46 4.51 -20.86 44.26
C ASP A 46 3.84 -19.89 43.29
N ASP A 47 4.52 -19.52 42.19
CA ASP A 47 3.91 -18.55 41.28
C ASP A 47 2.68 -19.13 40.62
N SER A 48 2.74 -20.39 40.17
CA SER A 48 1.57 -21.06 39.63
C SER A 48 0.42 -21.07 40.64
N ASN A 49 0.71 -21.38 41.91
CA ASN A 49 -0.35 -21.37 42.91
C ASN A 49 -1.01 -20.00 43.00
N LEU A 50 -0.21 -18.94 43.00
CA LEU A 50 -0.74 -17.59 43.04
C LEU A 50 -1.64 -17.30 41.83
N TYR A 51 -1.12 -17.53 40.62
CA TYR A 51 -1.86 -17.15 39.42
C TYR A 51 -3.14 -17.99 39.27
N ILE A 52 -3.09 -19.26 39.64
CA ILE A 52 -4.29 -20.09 39.59
C ILE A 52 -5.34 -19.57 40.56
N ASN A 53 -4.91 -19.23 41.77
CA ASN A 53 -5.83 -18.68 42.77
C ASN A 53 -6.51 -17.41 42.27
N VAL A 54 -5.74 -16.52 41.64
CA VAL A 54 -6.35 -15.33 41.03
C VAL A 54 -7.40 -15.73 39.99
N LYS A 55 -7.14 -16.77 39.21
CA LYS A 55 -8.12 -17.18 38.22
C LYS A 55 -9.40 -17.75 38.86
N LEU A 56 -9.27 -18.58 39.89
CA LEU A 56 -10.46 -19.14 40.55
C LEU A 56 -11.35 -18.04 41.13
N LYS A 57 -10.76 -17.03 41.76
CA LYS A 57 -11.53 -15.92 42.29
C LYS A 57 -12.30 -15.16 41.20
N ALA A 58 -11.65 -14.90 40.07
CA ALA A 58 -12.35 -14.20 38.98
C ALA A 58 -13.52 -15.04 38.47
N ALA A 59 -13.32 -16.35 38.32
CA ALA A 59 -14.40 -17.22 37.85
C ALA A 59 -15.58 -17.17 38.80
N GLU A 60 -15.29 -17.11 40.11
CA GLU A 60 -16.33 -17.10 41.12
C GLU A 60 -17.13 -15.81 41.08
N GLU A 61 -16.45 -14.67 40.96
CA GLU A 61 -17.14 -13.39 40.81
C GLU A 61 -18.08 -13.40 39.60
N ILE A 62 -17.70 -14.06 38.52
CA ILE A 62 -18.49 -14.02 37.29
C ILE A 62 -19.65 -15.02 37.29
N GLY A 63 -19.59 -16.08 38.09
CA GLY A 63 -20.53 -17.17 38.00
C GLY A 63 -20.07 -18.33 37.14
N ILE A 64 -18.77 -18.43 36.88
CA ILE A 64 -18.17 -19.58 36.21
C ILE A 64 -17.77 -20.59 37.30
N LYS A 65 -18.16 -21.84 37.13
CA LYS A 65 -17.71 -22.88 38.07
C LYS A 65 -16.35 -23.38 37.63
N ALA A 66 -15.34 -23.14 38.46
CA ALA A 66 -13.96 -23.47 38.15
C ALA A 66 -13.47 -24.54 39.12
N THR A 67 -12.95 -25.63 38.58
CA THR A 67 -12.33 -26.70 39.36
C THR A 67 -10.83 -26.73 39.10
N HIS A 68 -10.05 -26.87 40.16
CA HIS A 68 -8.60 -26.90 40.09
C HIS A 68 -8.12 -28.29 40.53
N ILE A 69 -7.38 -28.97 39.65
CA ILE A 69 -6.81 -30.28 39.91
C ILE A 69 -5.29 -30.14 39.94
N LYS A 70 -4.72 -30.44 41.10
CA LYS A 70 -3.26 -30.30 41.27
C LYS A 70 -2.60 -31.65 41.43
N LEU A 71 -1.71 -32.00 40.51
CA LEU A 71 -1.01 -33.25 40.53
C LEU A 71 0.38 -33.09 41.14
N PRO A 72 0.90 -34.12 41.82
CA PRO A 72 2.20 -34.00 42.47
C PRO A 72 3.34 -33.85 41.46
N ARG A 73 4.47 -33.35 41.97
CA ARG A 73 5.65 -33.19 41.14
C ARG A 73 6.12 -34.49 40.52
N THR A 74 5.73 -35.64 41.06
CA THR A 74 6.22 -36.93 40.58
C THR A 74 5.26 -37.64 39.64
N THR A 75 4.24 -36.95 39.10
CA THR A 75 3.33 -37.64 38.18
C THR A 75 4.03 -37.98 36.87
N THR A 76 3.51 -39.02 36.23
CA THR A 76 4.03 -39.43 34.94
C THR A 76 3.23 -38.78 33.81
N GLU A 77 3.83 -38.73 32.62
CA GLU A 77 3.13 -38.22 31.46
C GLU A 77 1.84 -39.00 31.25
N SER A 78 1.88 -40.31 31.45
CA SER A 78 0.71 -41.15 31.24
C SER A 78 -0.43 -40.78 32.18
N GLU A 79 -0.11 -40.36 33.41
CA GLU A 79 -1.17 -39.97 34.34
C GLU A 79 -1.70 -38.57 34.03
N VAL A 80 -0.83 -37.66 33.58
CA VAL A 80 -1.31 -36.36 33.12
C VAL A 80 -2.25 -36.53 31.94
N MET A 81 -1.89 -37.42 31.01
CA MET A 81 -2.70 -37.66 29.83
C MET A 81 -4.07 -38.20 30.20
N LYS A 82 -4.16 -39.04 31.24
CA LYS A 82 -5.44 -39.60 31.66
C LYS A 82 -6.41 -38.50 32.10
N TYR A 83 -5.90 -37.52 32.84
CA TYR A 83 -6.74 -36.39 33.25
C TYR A 83 -7.20 -35.56 32.05
N ILE A 84 -6.29 -35.29 31.11
CA ILE A 84 -6.65 -34.52 29.92
C ILE A 84 -7.75 -35.24 29.15
N THR A 85 -7.60 -36.55 28.97
CA THR A 85 -8.64 -37.35 28.32
C THR A 85 -9.95 -37.23 29.08
N SER A 86 -9.90 -37.32 30.40
CA SER A 86 -11.13 -37.20 31.19
C SER A 86 -11.77 -35.83 31.00
N LEU A 87 -10.97 -34.76 31.02
CA LEU A 87 -11.52 -33.42 30.80
C LEU A 87 -12.09 -33.26 29.40
N ASN A 88 -11.39 -33.79 28.39
CA ASN A 88 -11.91 -33.77 27.03
C ASN A 88 -13.26 -34.42 26.92
N GLU A 89 -13.50 -35.47 27.73
CA GLU A 89 -14.69 -36.29 27.61
C GLU A 89 -15.83 -35.85 28.50
N ASP A 90 -15.55 -35.04 29.52
CA ASP A 90 -16.58 -34.54 30.43
C ASP A 90 -17.34 -33.42 29.72
N SER A 91 -18.57 -33.70 29.29
CA SER A 91 -19.36 -32.74 28.52
C SER A 91 -19.89 -31.58 29.36
N THR A 92 -19.71 -31.63 30.68
CA THR A 92 -20.04 -30.48 31.50
C THR A 92 -18.90 -29.48 31.61
N VAL A 93 -17.70 -29.84 31.13
CA VAL A 93 -16.55 -28.94 31.14
C VAL A 93 -16.46 -28.28 29.77
N HIS A 94 -16.55 -26.95 29.74
CA HIS A 94 -16.55 -26.22 28.48
C HIS A 94 -15.16 -25.78 28.06
N GLY A 95 -14.29 -25.41 29.01
CA GLY A 95 -12.92 -25.14 28.69
C GLY A 95 -12.01 -25.66 29.79
N PHE A 96 -10.75 -25.89 29.41
CA PHE A 96 -9.78 -26.18 30.45
C PHE A 96 -8.38 -25.89 29.95
N LEU A 97 -7.47 -25.75 30.90
CA LEU A 97 -6.11 -25.39 30.62
C LEU A 97 -5.17 -26.10 31.59
N VAL A 98 -3.92 -26.23 31.14
CA VAL A 98 -2.83 -26.74 31.95
C VAL A 98 -1.92 -25.55 32.24
N GLN A 99 -1.81 -25.19 33.51
CA GLN A 99 -0.95 -24.07 33.89
C GLN A 99 0.51 -24.41 33.58
N LEU A 100 1.21 -23.47 32.96
CA LEU A 100 2.57 -23.74 32.57
C LEU A 100 3.52 -22.86 33.39
N PRO A 101 4.77 -23.30 33.58
CA PRO A 101 5.37 -24.57 33.11
C PRO A 101 4.98 -25.75 33.97
N LEU A 102 5.00 -26.98 33.45
CA LEU A 102 4.88 -28.14 34.30
C LEU A 102 6.07 -28.21 35.24
N ASP A 103 5.80 -28.55 36.50
CA ASP A 103 6.84 -28.75 37.51
C ASP A 103 6.83 -30.23 37.84
N SER A 104 7.67 -31.00 37.15
CA SER A 104 7.73 -32.44 37.29
C SER A 104 9.16 -32.87 37.57
N GLU A 105 9.29 -33.99 38.31
CA GLU A 105 10.60 -34.63 38.47
C GLU A 105 10.92 -35.51 37.27
N ASN A 106 9.90 -36.14 36.68
CA ASN A 106 10.05 -36.92 35.47
C ASN A 106 9.96 -36.03 34.25
N SER A 107 10.69 -36.39 33.20
CA SER A 107 10.60 -35.66 31.95
C SER A 107 9.21 -35.87 31.38
N ILE A 108 8.46 -34.79 31.25
CA ILE A 108 7.13 -34.83 30.69
C ILE A 108 7.13 -33.94 29.46
N ASN A 109 6.66 -34.47 28.34
CA ASN A 109 6.67 -33.73 27.08
C ASN A 109 5.52 -32.73 27.09
N THR A 110 5.85 -31.46 27.38
CA THR A 110 4.84 -30.42 27.49
C THR A 110 4.04 -30.27 26.19
N GLU A 111 4.71 -30.39 25.04
CA GLU A 111 4.02 -30.23 23.76
C GLU A 111 3.01 -31.35 23.54
N GLU A 112 3.35 -32.58 23.93
CA GLU A 112 2.41 -33.68 23.78
C GLU A 112 1.22 -33.51 24.72
N VAL A 113 1.48 -33.08 25.96
CA VAL A 113 0.40 -32.87 26.92
C VAL A 113 -0.54 -31.77 26.44
N ILE A 114 0.03 -30.61 26.08
CA ILE A 114 -0.77 -29.49 25.59
C ILE A 114 -1.59 -29.89 24.38
N ASN A 115 -1.00 -30.65 23.47
CA ASN A 115 -1.66 -30.94 22.22
C ASN A 115 -2.68 -32.07 22.32
N ALA A 116 -2.81 -32.70 23.47
CA ALA A 116 -3.92 -33.62 23.66
C ALA A 116 -5.21 -32.90 24.05
N ILE A 117 -5.15 -31.60 24.33
CA ILE A 117 -6.34 -30.84 24.68
C ILE A 117 -7.24 -30.71 23.47
N ALA A 118 -8.54 -30.98 23.64
CA ALA A 118 -9.49 -30.75 22.56
C ALA A 118 -9.49 -29.27 22.18
N PRO A 119 -9.32 -28.93 20.90
CA PRO A 119 -9.23 -27.51 20.51
C PRO A 119 -10.45 -26.69 20.91
N GLU A 120 -11.63 -27.31 20.93
CA GLU A 120 -12.88 -26.64 21.30
C GLU A 120 -12.94 -26.29 22.78
N LYS A 121 -12.08 -26.87 23.60
CA LYS A 121 -12.01 -26.54 25.02
C LYS A 121 -10.72 -25.81 25.38
N ASP A 122 -9.87 -25.53 24.39
CA ASP A 122 -8.52 -25.00 24.58
C ASP A 122 -8.59 -23.49 24.76
N VAL A 123 -9.16 -23.08 25.91
CA VAL A 123 -9.39 -21.65 26.16
C VAL A 123 -8.10 -20.86 26.36
N ASP A 124 -6.98 -21.53 26.57
CA ASP A 124 -5.69 -20.80 26.67
C ASP A 124 -5.06 -20.63 25.28
N GLY A 125 -5.65 -21.23 24.26
CA GLY A 125 -5.08 -21.17 22.93
C GLY A 125 -3.68 -21.75 22.83
N LEU A 126 -3.41 -22.82 23.55
CA LEU A 126 -2.05 -23.33 23.47
C LEU A 126 -1.88 -24.52 22.54
N THR A 127 -2.95 -25.10 22.01
CA THR A 127 -2.80 -26.19 21.04
C THR A 127 -2.19 -25.68 19.74
N SER A 128 -1.47 -26.58 19.07
CA SER A 128 -0.95 -26.29 17.74
C SER A 128 -2.05 -25.90 16.76
N ILE A 129 -3.23 -26.52 16.89
CA ILE A 129 -4.35 -26.24 15.98
C ILE A 129 -4.77 -24.78 16.09
N ASN A 130 -5.00 -24.32 17.32
CA ASN A 130 -5.36 -22.93 17.56
C ASN A 130 -4.20 -21.98 17.24
N ALA A 131 -2.96 -22.38 17.57
CA ALA A 131 -1.82 -21.53 17.21
C ALA A 131 -1.72 -21.34 15.69
N GLY A 132 -1.91 -22.43 14.94
CA GLY A 132 -1.79 -22.35 13.50
C GLY A 132 -2.88 -21.52 12.86
N ARG A 133 -4.09 -21.58 13.40
CA ARG A 133 -5.18 -20.73 12.94
C ARG A 133 -4.87 -19.26 13.16
N LEU A 134 -4.42 -18.92 14.38
CA LEU A 134 -4.02 -17.54 14.68
C LEU A 134 -2.85 -17.10 13.80
N ALA A 135 -1.84 -17.96 13.63
CA ALA A 135 -0.62 -17.58 12.95
C ALA A 135 -0.82 -17.34 11.46
N ARG A 136 -1.92 -17.84 10.89
CA ARG A 136 -2.18 -17.63 9.47
C ARG A 136 -3.42 -16.77 9.25
N GLY A 137 -3.88 -16.08 10.28
CA GLY A 137 -4.94 -15.11 10.14
C GLY A 137 -6.35 -15.64 10.17
N ASP A 138 -6.55 -16.93 10.51
CA ASP A 138 -7.89 -17.51 10.65
C ASP A 138 -8.42 -17.22 12.05
N LEU A 139 -8.76 -15.95 12.27
CA LEU A 139 -8.99 -15.49 13.63
C LEU A 139 -10.38 -15.79 14.18
N ASN A 140 -11.33 -16.28 13.38
CA ASN A 140 -12.67 -16.46 13.91
C ASN A 140 -12.89 -17.84 14.52
N ASP A 141 -12.09 -18.83 14.16
CA ASP A 141 -12.31 -20.20 14.59
C ASP A 141 -11.30 -20.67 15.63
N CYS A 142 -10.69 -19.75 16.39
CA CYS A 142 -9.70 -20.18 17.36
C CYS A 142 -9.79 -19.37 18.64
N PHE A 143 -9.33 -20.01 19.72
CA PHE A 143 -8.98 -19.32 20.94
C PHE A 143 -7.62 -18.67 20.79
N ILE A 144 -7.55 -17.41 21.15
CA ILE A 144 -6.32 -16.64 21.12
C ILE A 144 -5.80 -16.67 22.55
N PRO A 145 -4.51 -16.85 22.78
CA PRO A 145 -4.01 -16.88 24.16
C PRO A 145 -4.35 -15.60 24.93
N CYS A 146 -4.59 -15.77 26.23
CA CYS A 146 -5.25 -14.75 27.04
C CYS A 146 -4.40 -13.51 27.25
N THR A 147 -3.08 -13.64 27.46
CA THR A 147 -2.27 -12.44 27.63
C THR A 147 -2.22 -11.61 26.34
N PRO A 148 -1.94 -12.17 25.16
CA PRO A 148 -2.07 -11.35 23.93
C PRO A 148 -3.45 -10.74 23.75
N LYS A 149 -4.55 -11.46 24.06
CA LYS A 149 -5.88 -10.86 23.98
C LYS A 149 -5.98 -9.64 24.90
N GLY A 150 -5.43 -9.75 26.11
CA GLY A 150 -5.49 -8.62 27.04
C GLY A 150 -4.66 -7.44 26.56
N CYS A 151 -3.47 -7.72 26.01
CA CYS A 151 -2.64 -6.67 25.45
C CYS A 151 -3.35 -5.94 24.31
N LEU A 152 -3.98 -6.69 23.40
CA LEU A 152 -4.71 -6.09 22.28
C LEU A 152 -5.82 -5.16 22.77
N GLU A 153 -6.55 -5.59 23.82
CA GLU A 153 -7.59 -4.75 24.38
C GLU A 153 -7.01 -3.49 25.01
N LEU A 154 -5.83 -3.58 25.64
CA LEU A 154 -5.21 -2.39 26.20
C LEU A 154 -4.77 -1.42 25.09
N ILE A 155 -4.17 -1.94 24.03
CA ILE A 155 -3.81 -1.09 22.89
C ILE A 155 -5.04 -0.40 22.32
N LYS A 156 -6.14 -1.14 22.17
CA LYS A 156 -7.36 -0.54 21.66
C LYS A 156 -7.97 0.50 22.60
N GLU A 157 -7.67 0.47 23.90
CA GLU A 157 -8.19 1.50 24.79
C GLU A 157 -7.61 2.88 24.49
N THR A 158 -6.46 2.94 23.81
CA THR A 158 -5.89 4.22 23.45
C THR A 158 -6.76 4.97 22.44
N GLY A 159 -7.62 4.26 21.71
CA GLY A 159 -8.35 4.83 20.59
C GLY A 159 -7.53 5.07 19.32
N VAL A 160 -6.25 4.70 19.31
CA VAL A 160 -5.40 4.85 18.13
C VAL A 160 -5.48 3.57 17.30
N PRO A 161 -5.81 3.65 16.01
CA PRO A 161 -5.84 2.43 15.19
C PRO A 161 -4.45 1.79 15.13
N ILE A 162 -4.45 0.47 15.07
CA ILE A 162 -3.21 -0.30 14.97
C ILE A 162 -2.71 -0.31 13.53
N ALA A 163 -3.63 -0.27 12.56
CA ALA A 163 -3.27 -0.51 11.18
C ALA A 163 -2.24 0.51 10.71
N GLY A 164 -1.19 0.02 10.07
CA GLY A 164 -0.16 0.90 9.56
C GLY A 164 0.90 1.28 10.56
N ARG A 165 0.70 1.02 11.86
CA ARG A 165 1.73 1.36 12.82
C ARG A 165 2.79 0.27 12.85
N HIS A 166 4.02 0.68 13.17
CA HIS A 166 5.11 -0.27 13.38
C HIS A 166 5.06 -0.76 14.83
N ALA A 167 4.87 -2.05 15.02
CA ALA A 167 4.80 -2.66 16.34
C ALA A 167 6.03 -3.52 16.56
N VAL A 168 6.58 -3.46 17.77
CA VAL A 168 7.77 -4.24 18.15
C VAL A 168 7.36 -5.13 19.29
N VAL A 169 7.56 -6.44 19.13
CA VAL A 169 7.33 -7.42 20.18
C VAL A 169 8.68 -7.94 20.61
N VAL A 170 8.99 -7.81 21.90
CA VAL A 170 10.25 -8.31 22.43
C VAL A 170 9.94 -9.58 23.22
N GLY A 171 10.37 -10.72 22.69
CA GLY A 171 9.93 -12.00 23.22
C GLY A 171 9.17 -12.79 22.16
N ARG A 172 9.34 -14.12 22.17
CA ARG A 172 8.72 -14.98 21.16
C ARG A 172 8.18 -16.26 21.79
N SER A 173 7.82 -16.20 23.06
CA SER A 173 7.39 -17.39 23.76
C SER A 173 6.01 -17.84 23.28
N LYS A 174 5.72 -19.11 23.55
CA LYS A 174 4.52 -19.75 23.04
C LYS A 174 3.26 -19.11 23.61
N ILE A 175 3.33 -18.61 24.84
CA ILE A 175 2.16 -18.11 25.54
C ILE A 175 1.95 -16.62 25.29
N VAL A 176 3.03 -15.86 25.09
CA VAL A 176 2.88 -14.42 24.99
C VAL A 176 3.45 -13.88 23.69
N GLY A 177 4.78 -13.93 23.54
CA GLY A 177 5.45 -13.17 22.49
C GLY A 177 5.03 -13.61 21.09
N ALA A 178 5.06 -14.93 20.82
CA ALA A 178 4.74 -15.39 19.47
C ALA A 178 3.29 -15.12 19.08
N PRO A 179 2.29 -15.47 19.87
CA PRO A 179 0.92 -15.08 19.50
C PRO A 179 0.70 -13.58 19.47
N MET A 180 1.44 -12.81 20.27
CA MET A 180 1.31 -11.35 20.21
C MET A 180 1.68 -10.84 18.83
N HIS A 181 2.78 -11.34 18.27
CA HIS A 181 3.17 -10.95 16.92
C HIS A 181 2.02 -11.18 15.95
N ASP A 182 1.40 -12.36 16.02
CA ASP A 182 0.34 -12.72 15.08
C ASP A 182 -0.88 -11.82 15.24
N LEU A 183 -1.29 -11.56 16.49
CA LEU A 183 -2.45 -10.71 16.72
C LEU A 183 -2.22 -9.31 16.12
N LEU A 184 -1.04 -8.74 16.37
CA LEU A 184 -0.73 -7.42 15.85
C LEU A 184 -0.66 -7.44 14.33
N LEU A 185 -0.05 -8.50 13.78
CA LEU A 185 0.02 -8.65 12.33
C LEU A 185 -1.36 -8.65 11.70
N TRP A 186 -2.29 -9.42 12.25
CA TRP A 186 -3.63 -9.49 11.65
C TRP A 186 -4.52 -8.32 12.05
N ASN A 187 -4.02 -7.42 12.91
CA ASN A 187 -4.61 -6.11 13.03
C ASN A 187 -3.93 -5.09 12.13
N ASN A 188 -3.06 -5.56 11.22
CA ASN A 188 -2.45 -4.77 10.13
C ASN A 188 -1.34 -3.83 10.59
N ALA A 189 -0.71 -4.11 11.73
CA ALA A 189 0.56 -3.49 12.05
C ALA A 189 1.68 -4.13 11.23
N THR A 190 2.72 -3.33 11.01
CA THR A 190 4.01 -3.83 10.55
C THR A 190 4.75 -4.27 11.79
N VAL A 191 5.09 -5.56 11.89
CA VAL A 191 5.53 -6.10 13.17
C VAL A 191 6.98 -6.57 13.07
N THR A 192 7.79 -6.15 14.04
CA THR A 192 9.14 -6.65 14.27
C THR A 192 9.15 -7.51 15.53
N THR A 193 9.64 -8.75 15.42
CA THR A 193 9.81 -9.64 16.56
C THR A 193 11.28 -9.73 16.95
N CYS A 194 11.58 -9.49 18.23
CA CYS A 194 12.92 -9.51 18.80
C CYS A 194 13.03 -10.64 19.82
N HIS A 195 14.26 -11.04 20.13
CA HIS A 195 14.51 -12.15 21.04
C HIS A 195 15.94 -12.02 21.57
N SER A 196 16.44 -13.07 22.22
CA SER A 196 17.73 -12.97 22.90
C SER A 196 18.90 -13.00 21.93
N LYS A 197 18.69 -13.38 20.67
CA LYS A 197 19.72 -13.25 19.66
C LYS A 197 19.60 -11.97 18.86
N THR A 198 18.67 -11.09 19.22
CA THR A 198 18.56 -9.81 18.54
C THR A 198 19.75 -8.95 18.91
N ALA A 199 20.46 -8.45 17.90
CA ALA A 199 21.50 -7.46 18.13
C ALA A 199 20.89 -6.07 17.99
N HIS A 200 21.43 -5.13 18.75
CA HIS A 200 20.95 -3.74 18.74
C HIS A 200 19.48 -3.66 19.16
N LEU A 201 19.18 -4.25 20.31
CA LEU A 201 17.80 -4.26 20.78
C LEU A 201 17.28 -2.84 20.97
N ASP A 202 18.14 -1.94 21.46
CA ASP A 202 17.72 -0.57 21.67
C ASP A 202 17.24 0.08 20.38
N GLU A 203 17.87 -0.24 19.25
CA GLU A 203 17.46 0.33 17.98
C GLU A 203 16.17 -0.29 17.44
N GLU A 204 15.94 -1.58 17.71
CA GLU A 204 14.68 -2.19 17.29
C GLU A 204 13.52 -1.64 18.12
N VAL A 205 13.71 -1.51 19.43
CA VAL A 205 12.66 -0.96 20.30
C VAL A 205 12.27 0.44 19.86
N ASN A 206 13.26 1.26 19.48
CA ASN A 206 13.02 2.64 19.05
C ASN A 206 12.17 2.73 17.78
N LYS A 207 11.98 1.65 17.02
CA LYS A 207 11.08 1.67 15.87
C LYS A 207 9.61 1.55 16.25
N GLY A 208 9.30 1.22 17.50
CA GLY A 208 7.94 0.83 17.83
C GLY A 208 6.98 1.97 18.15
N ASP A 209 6.04 2.23 17.24
CA ASP A 209 4.84 2.97 17.60
C ASP A 209 4.05 2.22 18.68
N ILE A 210 4.01 0.90 18.57
CA ILE A 210 3.44 0.00 19.58
C ILE A 210 4.59 -0.88 20.05
N LEU A 211 4.72 -1.05 21.36
CA LEU A 211 5.80 -1.86 21.93
C LEU A 211 5.20 -2.79 22.97
N VAL A 212 5.41 -4.09 22.79
CA VAL A 212 4.98 -5.09 23.75
C VAL A 212 6.21 -5.82 24.23
N VAL A 213 6.46 -5.81 25.53
CA VAL A 213 7.68 -6.39 26.07
C VAL A 213 7.27 -7.58 26.93
N ALA A 214 7.80 -8.76 26.57
CA ALA A 214 7.41 -10.04 27.14
C ALA A 214 8.65 -10.91 27.38
N THR A 215 9.63 -10.38 28.11
CA THR A 215 10.92 -11.06 28.24
C THR A 215 11.15 -11.73 29.58
N GLY A 216 10.52 -11.26 30.66
CA GLY A 216 10.86 -11.76 31.98
C GLY A 216 12.22 -11.32 32.49
N GLN A 217 12.77 -10.22 31.96
CA GLN A 217 14.02 -9.65 32.43
C GLN A 217 13.72 -8.29 33.06
N PRO A 218 13.80 -8.16 34.40
CA PRO A 218 13.26 -6.95 35.05
C PRO A 218 13.93 -5.69 34.55
N GLU A 219 13.11 -4.74 34.07
CA GLU A 219 13.52 -3.40 33.64
C GLU A 219 14.63 -3.39 32.60
N MET A 220 14.79 -4.48 31.84
CA MET A 220 15.88 -4.52 30.85
C MET A 220 15.64 -3.56 29.70
N VAL A 221 14.39 -3.32 29.33
CA VAL A 221 14.08 -2.41 28.23
C VAL A 221 14.09 -0.99 28.78
N LYS A 222 15.12 -0.23 28.42
CA LYS A 222 15.30 1.10 28.96
C LYS A 222 14.29 2.09 28.39
N GLY A 223 13.85 3.03 29.24
CA GLY A 223 12.95 4.08 28.81
C GLY A 223 13.52 4.94 27.70
N GLU A 224 14.84 5.17 27.70
CA GLU A 224 15.46 6.01 26.67
C GLU A 224 15.34 5.42 25.27
N TRP A 225 15.13 4.10 25.15
CA TRP A 225 15.00 3.43 23.85
C TRP A 225 13.63 3.67 23.21
N ILE A 226 12.64 4.06 24.01
CA ILE A 226 11.25 4.14 23.57
C ILE A 226 11.07 5.27 22.57
N LYS A 227 10.32 5.00 21.52
CA LYS A 227 9.97 6.05 20.60
C LYS A 227 9.05 7.05 21.27
N PRO A 228 9.34 8.36 21.22
CA PRO A 228 8.42 9.35 21.78
C PRO A 228 7.02 9.18 21.21
N GLY A 229 6.03 9.06 22.10
CA GLY A 229 4.65 8.81 21.71
C GLY A 229 4.24 7.36 21.59
N ALA A 230 5.16 6.43 21.83
CA ALA A 230 4.85 5.01 21.74
C ALA A 230 3.78 4.59 22.74
N ILE A 231 3.00 3.58 22.36
CA ILE A 231 2.13 2.82 23.25
C ILE A 231 2.92 1.63 23.78
N VAL A 232 3.06 1.56 25.10
CA VAL A 232 4.01 0.66 25.74
C VAL A 232 3.24 -0.31 26.61
N ILE A 233 3.35 -1.60 26.32
CA ILE A 233 2.65 -2.68 27.00
C ILE A 233 3.70 -3.58 27.65
N ASP A 234 3.66 -3.68 28.98
CA ASP A 234 4.66 -4.40 29.75
C ASP A 234 4.01 -5.64 30.35
N CYS A 235 4.36 -6.81 29.83
CA CYS A 235 3.84 -8.07 30.34
C CYS A 235 4.63 -8.60 31.52
N GLY A 236 5.75 -7.98 31.85
CA GLY A 236 6.62 -8.50 32.88
C GLY A 236 5.95 -8.49 34.25
N ILE A 237 6.24 -9.53 35.03
CA ILE A 237 5.98 -9.57 36.47
C ILE A 237 7.27 -10.12 37.05
N ASN A 238 8.12 -9.25 37.59
CA ASN A 238 9.42 -9.66 38.10
C ASN A 238 9.52 -9.35 39.59
N TYR A 239 10.10 -10.28 40.35
CA TYR A 239 10.30 -10.06 41.79
C TYR A 239 11.76 -9.71 42.13
N LYS A 250 9.93 -5.94 45.78
CA LYS A 250 8.91 -5.29 44.96
C LYS A 250 8.65 -6.09 43.69
N VAL A 251 7.55 -5.77 43.01
CA VAL A 251 7.27 -6.32 41.69
C VAL A 251 7.51 -5.22 40.67
N VAL A 252 8.31 -5.50 39.64
CA VAL A 252 8.54 -4.59 38.53
C VAL A 252 8.32 -5.33 37.21
N GLY A 253 8.10 -4.55 36.15
CA GLY A 253 7.94 -5.09 34.81
C GLY A 253 9.26 -5.29 34.08
N ASP A 254 9.12 -5.52 32.79
CA ASP A 254 10.25 -5.69 31.89
C ASP A 254 10.74 -4.38 31.30
N VAL A 255 10.02 -3.29 31.55
CA VAL A 255 10.33 -1.95 31.05
C VAL A 255 10.70 -1.07 32.24
N ALA A 256 11.72 -0.23 32.05
CA ALA A 256 12.06 0.78 33.06
C ALA A 256 10.99 1.87 33.08
N TYR A 257 10.10 1.78 34.07
CA TYR A 257 8.81 2.48 34.02
C TYR A 257 8.95 4.00 34.07
N ASP A 258 9.80 4.53 34.95
CA ASP A 258 9.86 5.98 35.12
C ASP A 258 10.29 6.68 33.85
N GLU A 259 11.41 6.26 33.28
CA GLU A 259 11.89 6.84 32.03
C GLU A 259 10.91 6.59 30.89
N ALA A 260 10.33 5.40 30.81
CA ALA A 260 9.41 5.08 29.71
C ALA A 260 8.17 5.97 29.77
N LYS A 261 7.66 6.21 30.97
CA LYS A 261 6.45 7.01 31.13
C LYS A 261 6.66 8.45 30.65
N GLU A 262 7.89 8.96 30.78
CA GLU A 262 8.21 10.29 30.27
C GLU A 262 8.02 10.39 28.76
N ARG A 263 8.28 9.30 28.03
CA ARG A 263 8.31 9.38 26.57
C ARG A 263 7.09 8.80 25.89
N ALA A 264 6.43 7.82 26.50
CA ALA A 264 5.29 7.14 25.90
C ALA A 264 4.05 8.02 25.87
N SER A 265 3.15 7.77 24.92
CA SER A 265 1.82 8.37 24.99
C SER A 265 0.91 7.60 25.96
N PHE A 266 1.02 6.27 25.99
CA PHE A 266 0.25 5.40 26.86
C PHE A 266 1.17 4.29 27.36
N ILE A 267 0.96 3.86 28.61
CA ILE A 267 1.82 2.86 29.21
C ILE A 267 1.06 2.10 30.29
N THR A 268 1.29 0.80 30.35
CA THR A 268 0.69 -0.08 31.35
C THR A 268 1.53 -0.06 32.63
N PRO A 269 0.94 0.21 33.79
CA PRO A 269 1.67 0.05 35.05
C PRO A 269 1.91 -1.41 35.36
N VAL A 270 2.88 -1.67 36.23
CA VAL A 270 3.11 -3.00 36.78
C VAL A 270 3.21 -2.86 38.29
N PRO A 271 2.33 -3.51 39.08
CA PRO A 271 1.23 -4.38 38.65
C PRO A 271 -0.02 -3.61 38.24
N GLY A 272 -1.14 -4.31 38.09
CA GLY A 272 -2.38 -3.66 37.69
C GLY A 272 -2.44 -3.21 36.25
N GLY A 273 -1.63 -3.80 35.37
CA GLY A 273 -1.67 -3.54 33.95
C GLY A 273 -2.14 -4.73 33.13
N VAL A 274 -1.17 -5.48 32.58
CA VAL A 274 -1.49 -6.65 31.75
C VAL A 274 -2.10 -7.78 32.61
N GLY A 275 -1.58 -7.97 33.82
CA GLY A 275 -1.98 -9.07 34.68
C GLY A 275 -3.47 -9.27 34.85
N PRO A 276 -4.18 -8.24 35.32
CA PRO A 276 -5.66 -8.38 35.41
C PRO A 276 -6.34 -8.61 34.09
N MET A 277 -5.79 -8.08 32.98
CA MET A 277 -6.41 -8.29 31.66
C MET A 277 -6.27 -9.73 31.21
N THR A 278 -5.12 -10.35 31.46
CA THR A 278 -4.93 -11.76 31.18
C THR A 278 -6.03 -12.63 31.80
N VAL A 279 -6.26 -12.44 33.10
CA VAL A 279 -7.28 -13.22 33.79
C VAL A 279 -8.66 -12.92 33.22
N ALA A 280 -8.96 -11.64 32.95
CA ALA A 280 -10.28 -11.31 32.42
C ALA A 280 -10.52 -11.96 31.06
N MET A 281 -9.47 -12.04 30.23
CA MET A 281 -9.59 -12.64 28.90
C MET A 281 -9.79 -14.15 28.96
N LEU A 282 -9.21 -14.81 29.96
CA LEU A 282 -9.48 -16.23 30.17
C LEU A 282 -10.95 -16.45 30.44
N MET A 283 -11.53 -15.63 31.33
CA MET A 283 -12.95 -15.74 31.64
C MET A 283 -13.80 -15.48 30.41
N GLN A 284 -13.41 -14.50 29.59
CA GLN A 284 -14.15 -14.24 28.36
C GLN A 284 -14.11 -15.44 27.42
N SER A 285 -12.95 -16.05 27.26
CA SER A 285 -12.88 -17.23 26.41
C SER A 285 -13.71 -18.37 26.99
N THR A 286 -13.71 -18.51 28.31
CA THR A 286 -14.51 -19.56 28.95
C THR A 286 -15.99 -19.34 28.67
N VAL A 287 -16.49 -18.12 28.87
CA VAL A 287 -17.90 -17.85 28.61
C VAL A 287 -18.20 -18.11 27.14
N GLU A 288 -17.28 -17.75 26.25
CA GLU A 288 -17.43 -18.02 24.83
C GLU A 288 -17.52 -19.52 24.52
N SER A 289 -16.68 -20.33 25.16
CA SER A 289 -16.79 -21.78 24.91
C SER A 289 -18.12 -22.31 25.41
N ALA A 290 -18.57 -21.84 26.58
CA ALA A 290 -19.88 -22.26 27.09
C ALA A 290 -21.01 -21.87 26.14
N LYS A 291 -20.98 -20.64 25.64
CA LYS A 291 -22.01 -20.19 24.70
C LYS A 291 -22.02 -21.05 23.43
N ARG A 292 -20.84 -21.37 22.89
CA ARG A 292 -20.77 -22.22 21.71
C ARG A 292 -21.34 -23.60 21.98
N PHE A 293 -21.12 -24.11 23.18
CA PHE A 293 -21.55 -25.46 23.53
C PHE A 293 -23.07 -25.56 23.61
N LEU A 294 -23.74 -24.48 24.02
CA LEU A 294 -25.20 -24.45 23.92
C LEU A 294 -25.65 -24.50 22.46
N GLU A 295 -24.94 -23.81 21.57
CA GLU A 295 -25.26 -23.76 20.15
C GLU A 295 -24.93 -25.07 19.42
N PRO B 2 28.95 -5.91 -7.88
CA PRO B 2 27.63 -6.45 -8.22
C PRO B 2 27.34 -7.79 -7.53
N ALA B 3 26.06 -8.08 -7.34
CA ALA B 3 25.67 -9.22 -6.53
C ALA B 3 26.04 -10.54 -7.20
N GLU B 4 26.43 -11.50 -6.37
CA GLU B 4 26.53 -12.88 -6.82
C GLU B 4 25.14 -13.48 -6.95
N ILE B 5 24.95 -14.25 -8.02
CA ILE B 5 23.65 -14.81 -8.35
C ILE B 5 23.51 -16.14 -7.62
N LEU B 6 22.44 -16.28 -6.84
CA LEU B 6 22.06 -17.56 -6.26
C LEU B 6 21.34 -18.36 -7.34
N ASN B 7 21.98 -19.41 -7.85
CA ASN B 7 21.48 -20.13 -9.02
C ASN B 7 20.64 -21.30 -8.55
N GLY B 8 19.33 -21.06 -8.37
CA GLY B 8 18.44 -22.09 -7.89
C GLY B 8 18.35 -23.27 -8.82
N LYS B 9 18.47 -23.02 -10.12
CA LYS B 9 18.49 -24.11 -11.11
C LYS B 9 19.60 -25.11 -10.81
N GLU B 10 20.82 -24.60 -10.58
CA GLU B 10 21.96 -25.47 -10.26
C GLU B 10 21.80 -26.13 -8.89
N ILE B 11 21.39 -25.36 -7.88
CA ILE B 11 21.30 -25.88 -6.53
C ILE B 11 20.24 -26.97 -6.44
N SER B 12 19.09 -26.74 -7.07
CA SER B 12 18.02 -27.76 -7.03
C SER B 12 18.48 -29.06 -7.67
N ALA B 13 19.21 -28.98 -8.80
CA ALA B 13 19.71 -30.18 -9.47
C ALA B 13 20.49 -31.07 -8.50
N GLN B 14 21.40 -30.45 -7.74
CA GLN B 14 22.18 -31.20 -6.76
C GLN B 14 21.28 -31.83 -5.71
N ILE B 15 20.27 -31.09 -5.25
CA ILE B 15 19.32 -31.66 -4.30
C ILE B 15 18.58 -32.85 -4.93
N ARG B 16 18.14 -32.70 -6.18
CA ARG B 16 17.35 -33.77 -6.81
C ARG B 16 18.20 -35.01 -7.10
N ALA B 17 19.44 -34.82 -7.54
CA ALA B 17 20.35 -35.96 -7.67
C ALA B 17 20.50 -36.68 -6.33
N ARG B 18 20.65 -35.91 -5.25
CA ARG B 18 20.80 -36.51 -3.93
C ARG B 18 19.56 -37.30 -3.54
N LEU B 19 18.38 -36.74 -3.81
CA LEU B 19 17.14 -37.44 -3.49
C LEU B 19 17.01 -38.72 -4.31
N LYS B 20 17.37 -38.65 -5.60
CA LYS B 20 17.27 -39.84 -6.45
C LYS B 20 18.09 -40.99 -5.89
N ASN B 21 19.28 -40.69 -5.37
CA ASN B 21 20.12 -41.74 -4.79
C ASN B 21 19.48 -42.30 -3.53
N GLN B 22 18.89 -41.45 -2.70
CA GLN B 22 18.19 -41.96 -1.52
C GLN B 22 17.05 -42.87 -1.93
N VAL B 23 16.29 -42.46 -2.96
CA VAL B 23 15.15 -43.25 -3.41
C VAL B 23 15.60 -44.59 -3.97
N THR B 24 16.65 -44.57 -4.80
CA THR B 24 17.24 -45.82 -5.28
C THR B 24 17.74 -46.68 -4.13
N GLN B 25 18.38 -46.06 -3.15
CA GLN B 25 18.89 -46.79 -1.98
C GLN B 25 17.75 -47.33 -1.11
N LEU B 26 16.61 -46.65 -1.08
CA LEU B 26 15.52 -47.12 -0.18
C LEU B 26 14.86 -48.32 -0.84
N LYS B 27 14.95 -48.38 -2.17
CA LYS B 27 14.39 -49.55 -2.90
C LYS B 27 15.26 -50.76 -2.57
N GLU B 28 16.60 -50.66 -2.67
CA GLU B 28 17.41 -51.79 -2.25
C GLU B 28 17.68 -51.81 -0.75
N GLN B 29 16.65 -51.52 0.04
CA GLN B 29 16.49 -51.75 1.47
C GLN B 29 15.15 -52.38 1.78
N VAL B 30 14.13 -51.81 1.16
CA VAL B 30 12.74 -52.34 1.26
C VAL B 30 12.35 -52.48 -0.19
N PRO B 31 12.35 -53.69 -0.78
CA PRO B 31 12.12 -53.84 -2.22
C PRO B 31 10.68 -53.58 -2.68
N GLY B 32 10.54 -53.05 -3.88
CA GLY B 32 9.20 -52.74 -4.41
C GLY B 32 8.65 -51.49 -3.76
N PHE B 33 9.35 -50.94 -2.78
CA PHE B 33 8.82 -49.77 -2.05
C PHE B 33 9.30 -48.49 -2.72
N THR B 34 8.36 -47.56 -2.97
CA THR B 34 8.74 -46.27 -3.51
C THR B 34 7.94 -45.18 -2.82
N PRO B 35 8.51 -43.99 -2.65
CA PRO B 35 7.70 -42.83 -2.22
C PRO B 35 6.57 -42.58 -3.21
N ARG B 36 5.38 -42.30 -2.68
CA ARG B 36 4.21 -42.04 -3.52
C ARG B 36 3.60 -40.70 -3.14
N LEU B 37 3.48 -39.82 -4.14
CA LEU B 37 2.93 -38.48 -3.96
C LEU B 37 1.64 -38.35 -4.77
N ALA B 38 0.64 -37.66 -4.22
CA ALA B 38 -0.58 -37.32 -4.97
C ALA B 38 -0.78 -35.81 -4.98
N ILE B 39 -1.15 -35.26 -6.14
CA ILE B 39 -1.45 -33.83 -6.27
C ILE B 39 -2.88 -33.70 -6.76
N LEU B 40 -3.71 -33.02 -5.96
CA LEU B 40 -5.12 -32.80 -6.26
C LEU B 40 -5.31 -31.39 -6.80
N GLN B 41 -6.02 -31.26 -7.94
CA GLN B 41 -6.29 -29.98 -8.58
C GLN B 41 -7.78 -29.78 -8.80
N VAL B 42 -8.28 -28.58 -8.50
CA VAL B 42 -9.67 -28.22 -8.78
C VAL B 42 -9.65 -27.14 -9.84
N GLY B 43 -10.31 -27.41 -10.97
CA GLY B 43 -10.33 -26.48 -12.08
C GLY B 43 -9.20 -26.70 -13.07
N ASN B 44 -8.94 -25.67 -13.87
CA ASN B 44 -7.95 -25.78 -14.95
C ASN B 44 -7.15 -24.49 -15.12
N ARG B 45 -6.65 -23.92 -14.03
CA ARG B 45 -5.81 -22.73 -14.15
C ARG B 45 -4.54 -23.03 -14.95
N ASP B 46 -4.14 -22.08 -15.82
CA ASP B 46 -2.93 -22.25 -16.61
C ASP B 46 -1.68 -22.32 -15.74
N ASP B 47 -1.57 -21.42 -14.77
CA ASP B 47 -0.35 -21.43 -13.96
C ASP B 47 -0.29 -22.68 -13.09
N SER B 48 -1.42 -23.11 -12.53
CA SER B 48 -1.45 -24.36 -11.79
C SER B 48 -1.05 -25.54 -12.68
N ASN B 49 -1.55 -25.57 -13.92
CA ASN B 49 -1.19 -26.65 -14.83
C ASN B 49 0.33 -26.73 -15.01
N LEU B 50 0.98 -25.58 -15.21
CA LEU B 50 2.43 -25.54 -15.40
C LEU B 50 3.16 -25.99 -14.13
N TYR B 51 2.78 -25.43 -12.98
CA TYR B 51 3.49 -25.76 -11.75
C TYR B 51 3.31 -27.23 -11.38
N ILE B 52 2.10 -27.77 -11.54
CA ILE B 52 1.90 -29.19 -11.29
C ILE B 52 2.75 -30.02 -12.24
N ASN B 53 2.80 -29.63 -13.52
CA ASN B 53 3.58 -30.40 -14.49
C ASN B 53 5.06 -30.40 -14.14
N VAL B 54 5.60 -29.24 -13.73
CA VAL B 54 6.99 -29.19 -13.28
C VAL B 54 7.21 -30.14 -12.12
N LYS B 55 6.26 -30.21 -11.20
CA LYS B 55 6.42 -31.08 -10.04
C LYS B 55 6.40 -32.55 -10.44
N LEU B 56 5.53 -32.91 -11.40
CA LEU B 56 5.51 -34.27 -11.91
C LEU B 56 6.84 -34.66 -12.54
N LYS B 57 7.44 -33.76 -13.32
CA LYS B 57 8.73 -34.04 -13.93
C LYS B 57 9.79 -34.30 -12.86
N ALA B 58 9.84 -33.44 -11.83
CA ALA B 58 10.82 -33.62 -10.77
C ALA B 58 10.64 -34.95 -10.07
N ALA B 59 9.39 -35.32 -9.74
CA ALA B 59 9.18 -36.58 -9.05
C ALA B 59 9.57 -37.77 -9.94
N GLU B 60 9.30 -37.66 -11.25
CA GLU B 60 9.66 -38.73 -12.17
C GLU B 60 11.17 -38.95 -12.18
N GLU B 61 11.93 -37.87 -12.37
CA GLU B 61 13.38 -37.94 -12.40
C GLU B 61 13.96 -38.54 -11.12
N ILE B 62 13.29 -38.36 -10.00
CA ILE B 62 13.83 -38.82 -8.72
C ILE B 62 13.47 -40.26 -8.43
N GLY B 63 12.33 -40.75 -8.94
CA GLY B 63 11.82 -42.06 -8.59
C GLY B 63 10.60 -42.03 -7.70
N ILE B 64 10.06 -40.85 -7.43
CA ILE B 64 8.81 -40.74 -6.68
C ILE B 64 7.67 -41.03 -7.65
N LYS B 65 6.73 -41.88 -7.25
CA LYS B 65 5.52 -42.12 -8.05
C LYS B 65 4.50 -41.03 -7.75
N ALA B 66 4.27 -40.12 -8.69
CA ALA B 66 3.40 -38.97 -8.48
C ALA B 66 2.15 -39.08 -9.36
N THR B 67 0.99 -39.07 -8.70
CA THR B 67 -0.32 -39.07 -9.36
C THR B 67 -0.92 -37.68 -9.34
N HIS B 68 -1.48 -37.25 -10.48
CA HIS B 68 -2.17 -35.97 -10.61
C HIS B 68 -3.66 -36.24 -10.82
N ILE B 69 -4.48 -35.82 -9.86
CA ILE B 69 -5.93 -35.88 -10.00
C ILE B 69 -6.45 -34.49 -10.27
N LYS B 70 -7.16 -34.30 -11.39
CA LYS B 70 -7.66 -33.00 -11.81
C LYS B 70 -9.19 -33.02 -11.84
N LEU B 71 -9.77 -32.40 -10.82
CA LEU B 71 -11.25 -32.31 -10.71
C LEU B 71 -11.78 -31.10 -11.48
N PRO B 72 -13.01 -31.15 -11.96
CA PRO B 72 -13.45 -30.06 -12.77
C PRO B 72 -13.85 -28.80 -11.95
N ARG B 73 -14.16 -27.69 -12.61
CA ARG B 73 -14.50 -26.39 -11.97
C ARG B 73 -15.88 -26.50 -11.29
N THR B 74 -16.72 -27.42 -11.77
CA THR B 74 -18.08 -27.62 -11.21
C THR B 74 -18.00 -28.50 -9.95
N THR B 75 -16.79 -28.75 -9.47
CA THR B 75 -16.64 -29.67 -8.30
C THR B 75 -17.16 -28.99 -7.03
N THR B 76 -17.75 -29.79 -6.16
CA THR B 76 -18.24 -29.28 -4.90
C THR B 76 -17.26 -29.61 -3.78
N GLU B 77 -17.38 -28.87 -2.68
CA GLU B 77 -16.57 -29.14 -1.50
C GLU B 77 -16.73 -30.58 -1.04
N SER B 78 -17.94 -31.13 -1.16
CA SER B 78 -18.13 -32.51 -0.74
C SER B 78 -17.32 -33.48 -1.61
N GLU B 79 -17.27 -33.23 -2.92
CA GLU B 79 -16.52 -34.14 -3.78
C GLU B 79 -15.03 -34.09 -3.50
N VAL B 80 -14.48 -32.88 -3.28
CA VAL B 80 -13.07 -32.75 -2.93
C VAL B 80 -12.76 -33.52 -1.64
N MET B 81 -13.66 -33.45 -0.65
CA MET B 81 -13.43 -34.13 0.62
C MET B 81 -13.40 -35.64 0.48
N LYS B 82 -14.15 -36.19 -0.49
CA LYS B 82 -14.08 -37.64 -0.71
C LYS B 82 -12.66 -38.05 -1.12
N TYR B 83 -12.01 -37.23 -1.95
CA TYR B 83 -10.64 -37.54 -2.37
C TYR B 83 -9.65 -37.37 -1.23
N ILE B 84 -9.80 -36.32 -0.43
CA ILE B 84 -8.89 -36.11 0.69
C ILE B 84 -9.03 -37.25 1.70
N THR B 85 -10.26 -37.69 1.96
CA THR B 85 -10.45 -38.83 2.85
C THR B 85 -9.86 -40.10 2.26
N SER B 86 -10.01 -40.28 0.94
CA SER B 86 -9.45 -41.47 0.30
C SER B 86 -7.93 -41.47 0.36
N LEU B 87 -7.30 -40.31 0.15
CA LEU B 87 -5.84 -40.24 0.19
C LEU B 87 -5.30 -40.37 1.61
N ASN B 88 -6.02 -39.82 2.61
CA ASN B 88 -5.65 -40.05 4.00
C ASN B 88 -5.63 -41.53 4.34
N GLU B 89 -6.63 -42.28 3.86
CA GLU B 89 -6.79 -43.67 4.26
C GLU B 89 -5.84 -44.61 3.50
N ASP B 90 -5.41 -44.21 2.30
CA ASP B 90 -4.60 -45.08 1.42
C ASP B 90 -3.16 -45.12 1.93
N SER B 91 -2.80 -46.21 2.60
CA SER B 91 -1.47 -46.33 3.20
C SER B 91 -0.36 -46.37 2.16
N THR B 92 -0.68 -46.55 0.88
CA THR B 92 0.36 -46.49 -0.13
C THR B 92 0.72 -45.07 -0.53
N VAL B 93 -0.10 -44.07 -0.16
CA VAL B 93 0.19 -42.68 -0.44
C VAL B 93 0.91 -42.08 0.76
N HIS B 94 2.11 -41.56 0.54
CA HIS B 94 2.92 -41.07 1.65
C HIS B 94 2.72 -39.57 1.89
N GLY B 95 2.47 -38.82 0.84
CA GLY B 95 2.13 -37.42 1.02
C GLY B 95 1.23 -36.99 -0.11
N PHE B 96 0.45 -35.95 0.16
CA PHE B 96 -0.32 -35.35 -0.92
C PHE B 96 -0.57 -33.89 -0.61
N LEU B 97 -0.95 -33.19 -1.66
CA LEU B 97 -1.21 -31.75 -1.53
C LEU B 97 -2.31 -31.32 -2.48
N VAL B 98 -3.01 -30.27 -2.11
CA VAL B 98 -3.98 -29.63 -2.97
C VAL B 98 -3.33 -28.38 -3.55
N GLN B 99 -3.16 -28.34 -4.87
CA GLN B 99 -2.63 -27.14 -5.51
C GLN B 99 -3.58 -25.98 -5.27
N LEU B 100 -3.04 -24.83 -4.87
CA LEU B 100 -3.89 -23.68 -4.58
C LEU B 100 -3.66 -22.57 -5.60
N PRO B 101 -4.64 -21.67 -5.81
CA PRO B 101 -6.01 -21.65 -5.28
C PRO B 101 -6.89 -22.66 -6.00
N LEU B 102 -7.94 -23.17 -5.36
CA LEU B 102 -8.95 -23.94 -6.08
C LEU B 102 -9.65 -23.04 -7.09
N ASP B 103 -9.86 -23.56 -8.29
CA ASP B 103 -10.55 -22.85 -9.36
C ASP B 103 -11.90 -23.56 -9.54
N SER B 104 -12.88 -23.15 -8.74
CA SER B 104 -14.21 -23.72 -8.77
C SER B 104 -15.24 -22.61 -8.95
N GLU B 105 -16.34 -22.93 -9.64
CA GLU B 105 -17.44 -21.98 -9.71
C GLU B 105 -18.27 -22.00 -8.44
N ASN B 106 -18.28 -23.13 -7.72
CA ASN B 106 -18.94 -23.20 -6.43
C ASN B 106 -18.05 -22.61 -5.35
N SER B 107 -18.66 -22.29 -4.22
CA SER B 107 -17.94 -21.77 -3.08
C SER B 107 -17.41 -22.95 -2.28
N ILE B 108 -16.09 -23.04 -2.16
CA ILE B 108 -15.43 -24.13 -1.45
C ILE B 108 -14.58 -23.50 -0.35
N ASN B 109 -14.79 -23.95 0.88
CA ASN B 109 -13.99 -23.47 2.00
C ASN B 109 -12.60 -24.08 1.90
N THR B 110 -11.65 -23.30 1.38
CA THR B 110 -10.27 -23.79 1.22
C THR B 110 -9.68 -24.21 2.56
N GLU B 111 -9.87 -23.41 3.61
CA GLU B 111 -9.30 -23.74 4.91
C GLU B 111 -9.84 -25.07 5.40
N GLU B 112 -11.13 -25.34 5.17
CA GLU B 112 -11.74 -26.60 5.61
C GLU B 112 -11.20 -27.78 4.80
N VAL B 113 -10.96 -27.56 3.51
CA VAL B 113 -10.38 -28.61 2.67
C VAL B 113 -8.96 -28.95 3.12
N ILE B 114 -8.12 -27.92 3.24
CA ILE B 114 -6.71 -28.13 3.55
C ILE B 114 -6.56 -28.84 4.90
N ASN B 115 -7.43 -28.51 5.85
CA ASN B 115 -7.30 -29.00 7.21
C ASN B 115 -7.89 -30.39 7.41
N ALA B 116 -8.51 -30.95 6.39
CA ALA B 116 -8.81 -32.36 6.36
C ALA B 116 -7.60 -33.22 6.00
N ILE B 117 -6.52 -32.63 5.48
CA ILE B 117 -5.35 -33.43 5.13
C ILE B 117 -4.69 -33.95 6.41
N ALA B 118 -4.40 -35.25 6.44
CA ALA B 118 -3.66 -35.82 7.55
C ALA B 118 -2.32 -35.09 7.71
N PRO B 119 -2.02 -34.59 8.91
CA PRO B 119 -0.76 -33.84 9.09
C PRO B 119 0.48 -34.64 8.74
N GLU B 120 0.47 -35.96 8.94
CA GLU B 120 1.59 -36.81 8.57
C GLU B 120 1.77 -36.94 7.06
N LYS B 121 0.76 -36.63 6.25
CA LYS B 121 0.92 -36.62 4.80
C LYS B 121 0.97 -35.21 4.23
N ASP B 122 0.94 -34.18 5.07
CA ASP B 122 0.78 -32.79 4.63
C ASP B 122 2.13 -32.22 4.18
N VAL B 123 2.65 -32.78 3.08
CA VAL B 123 4.00 -32.43 2.63
C VAL B 123 4.12 -30.98 2.23
N ASP B 124 3.00 -30.32 1.91
CA ASP B 124 3.03 -28.86 1.57
C ASP B 124 3.02 -28.00 2.84
N GLY B 125 2.80 -28.60 4.01
CA GLY B 125 2.84 -27.83 5.24
C GLY B 125 1.73 -26.82 5.38
N LEU B 126 0.57 -27.08 4.78
CA LEU B 126 -0.51 -26.09 4.79
C LEU B 126 -1.59 -26.34 5.85
N THR B 127 -1.57 -27.46 6.57
CA THR B 127 -2.57 -27.62 7.61
C THR B 127 -2.29 -26.68 8.79
N SER B 128 -3.36 -26.34 9.51
CA SER B 128 -3.18 -25.52 10.72
C SER B 128 -2.23 -26.17 11.71
N ILE B 129 -2.29 -27.50 11.85
CA ILE B 129 -1.43 -28.20 12.79
C ILE B 129 0.05 -27.96 12.46
N ASN B 130 0.46 -28.17 11.20
CA ASN B 130 1.87 -27.95 10.85
C ASN B 130 2.22 -26.46 10.88
N ALA B 131 1.29 -25.59 10.51
CA ALA B 131 1.55 -24.17 10.65
C ALA B 131 1.76 -23.80 12.11
N GLY B 132 0.95 -24.37 13.01
CA GLY B 132 1.04 -24.04 14.42
C GLY B 132 2.32 -24.50 15.08
N ARG B 133 2.84 -25.67 14.66
CA ARG B 133 4.15 -26.10 15.14
C ARG B 133 5.25 -25.16 14.67
N LEU B 134 5.26 -24.83 13.37
CA LEU B 134 6.27 -23.92 12.84
C LEU B 134 6.17 -22.55 13.50
N ALA B 135 4.96 -22.04 13.68
CA ALA B 135 4.80 -20.69 14.19
C ALA B 135 5.21 -20.58 15.66
N ARG B 136 5.27 -21.70 16.38
CA ARG B 136 5.66 -21.71 17.77
C ARG B 136 7.03 -22.36 17.98
N GLY B 137 7.81 -22.51 16.91
CA GLY B 137 9.18 -22.98 17.01
C GLY B 137 9.37 -24.46 17.22
N ASP B 138 8.33 -25.28 17.05
CA ASP B 138 8.45 -26.75 17.16
C ASP B 138 8.79 -27.34 15.79
N LEU B 139 10.05 -27.16 15.36
CA LEU B 139 10.44 -27.45 13.98
C LEU B 139 10.79 -28.91 13.71
N ASN B 140 10.98 -29.74 14.73
CA ASN B 140 11.47 -31.10 14.48
C ASN B 140 10.38 -32.04 13.96
N ASP B 141 9.12 -31.74 14.23
CA ASP B 141 8.02 -32.67 13.96
C ASP B 141 6.97 -32.05 13.05
N CYS B 142 7.37 -31.18 12.13
CA CYS B 142 6.37 -30.59 11.25
C CYS B 142 6.92 -30.44 9.85
N PHE B 143 6.02 -30.55 8.87
CA PHE B 143 6.34 -30.19 7.51
C PHE B 143 6.30 -28.67 7.36
N ILE B 144 7.36 -28.11 6.79
CA ILE B 144 7.51 -26.67 6.56
C ILE B 144 7.16 -26.37 5.10
N PRO B 145 6.37 -25.34 4.80
CA PRO B 145 5.98 -25.07 3.40
C PRO B 145 7.21 -24.94 2.49
N CYS B 146 7.06 -25.45 1.27
CA CYS B 146 8.21 -25.74 0.40
C CYS B 146 8.89 -24.47 -0.10
N THR B 147 8.13 -23.42 -0.42
CA THR B 147 8.81 -22.20 -0.86
C THR B 147 9.65 -21.60 0.28
N PRO B 148 9.13 -21.41 1.50
CA PRO B 148 10.03 -21.01 2.59
C PRO B 148 11.21 -21.95 2.80
N LYS B 149 11.01 -23.27 2.75
CA LYS B 149 12.13 -24.20 2.86
C LYS B 149 13.19 -23.88 1.81
N GLY B 150 12.75 -23.67 0.57
CA GLY B 150 13.68 -23.40 -0.50
C GLY B 150 14.40 -22.08 -0.32
N CYS B 151 13.70 -21.07 0.23
CA CYS B 151 14.34 -19.79 0.47
C CYS B 151 15.40 -19.87 1.55
N LEU B 152 15.13 -20.64 2.61
CA LEU B 152 16.14 -20.86 3.66
C LEU B 152 17.39 -21.53 3.09
N GLU B 153 17.20 -22.54 2.23
CA GLU B 153 18.35 -23.20 1.64
C GLU B 153 19.15 -22.24 0.76
N LEU B 154 18.46 -21.39 0.00
CA LEU B 154 19.17 -20.38 -0.79
C LEU B 154 19.95 -19.43 0.12
N ILE B 155 19.35 -19.04 1.24
CA ILE B 155 20.04 -18.15 2.17
C ILE B 155 21.29 -18.83 2.74
N LYS B 156 21.17 -20.11 3.11
CA LYS B 156 22.32 -20.83 3.66
C LYS B 156 23.46 -20.94 2.65
N GLU B 157 23.14 -21.05 1.36
CA GLU B 157 24.16 -21.14 0.32
C GLU B 157 25.07 -19.92 0.24
N THR B 158 24.63 -18.76 0.75
CA THR B 158 25.52 -17.61 0.80
C THR B 158 26.62 -17.79 1.83
N GLY B 159 26.51 -18.77 2.71
CA GLY B 159 27.43 -18.91 3.81
C GLY B 159 27.35 -17.82 4.87
N VAL B 160 26.53 -16.79 4.66
CA VAL B 160 26.35 -15.75 5.68
C VAL B 160 25.40 -16.26 6.74
N PRO B 161 25.81 -16.29 8.01
CA PRO B 161 24.92 -16.79 9.08
C PRO B 161 23.68 -15.91 9.24
N ILE B 162 22.59 -16.53 9.67
CA ILE B 162 21.31 -15.84 9.80
C ILE B 162 21.15 -15.22 11.18
N ALA B 163 21.64 -15.90 12.22
CA ALA B 163 21.44 -15.43 13.60
C ALA B 163 21.94 -14.00 13.76
N GLY B 164 21.11 -13.16 14.39
CA GLY B 164 21.44 -11.78 14.64
C GLY B 164 21.23 -10.82 13.48
N ARG B 165 21.00 -11.32 12.28
CA ARG B 165 20.72 -10.45 11.15
C ARG B 165 19.27 -9.96 11.20
N HIS B 166 19.02 -8.79 10.61
CA HIS B 166 17.64 -8.30 10.48
C HIS B 166 17.08 -8.75 9.14
N ALA B 167 16.03 -9.56 9.19
CA ALA B 167 15.36 -10.06 8.00
C ALA B 167 14.06 -9.29 7.80
N VAL B 168 13.77 -8.89 6.56
CA VAL B 168 12.49 -8.27 6.21
C VAL B 168 11.77 -9.20 5.25
N VAL B 169 10.53 -9.55 5.58
CA VAL B 169 9.68 -10.34 4.69
C VAL B 169 8.56 -9.43 4.22
N VAL B 170 8.44 -9.27 2.91
CA VAL B 170 7.33 -8.50 2.33
C VAL B 170 6.30 -9.48 1.83
N GLY B 171 5.14 -9.50 2.47
CA GLY B 171 4.12 -10.48 2.15
C GLY B 171 3.85 -11.37 3.35
N ARG B 172 2.58 -11.73 3.55
CA ARG B 172 2.22 -12.57 4.68
C ARG B 172 1.26 -13.67 4.27
N SER B 173 1.38 -14.16 3.03
CA SER B 173 0.45 -15.17 2.56
C SER B 173 0.66 -16.48 3.30
N LYS B 174 -0.38 -17.33 3.26
CA LYS B 174 -0.36 -18.60 4.01
C LYS B 174 0.72 -19.53 3.50
N ILE B 175 0.95 -19.53 2.20
CA ILE B 175 1.85 -20.48 1.57
C ILE B 175 3.31 -20.01 1.60
N VAL B 176 3.56 -18.69 1.60
CA VAL B 176 4.92 -18.19 1.49
C VAL B 176 5.32 -17.22 2.61
N GLY B 177 4.70 -16.03 2.64
CA GLY B 177 5.20 -14.97 3.52
C GLY B 177 5.09 -15.28 5.01
N ALA B 178 3.93 -15.76 5.45
CA ALA B 178 3.79 -16.01 6.89
C ALA B 178 4.73 -17.12 7.35
N PRO B 179 4.79 -18.29 6.70
CA PRO B 179 5.78 -19.29 7.14
C PRO B 179 7.22 -18.84 6.95
N MET B 180 7.48 -17.97 5.97
CA MET B 180 8.82 -17.43 5.80
C MET B 180 9.25 -16.63 7.03
N HIS B 181 8.33 -15.83 7.58
CA HIS B 181 8.65 -15.11 8.82
C HIS B 181 9.03 -16.07 9.93
N ASP B 182 8.22 -17.12 10.13
CA ASP B 182 8.46 -18.07 11.21
C ASP B 182 9.79 -18.78 11.04
N LEU B 183 10.11 -19.16 9.81
CA LEU B 183 11.34 -19.91 9.57
C LEU B 183 12.55 -19.05 9.87
N LEU B 184 12.53 -17.80 9.43
CA LEU B 184 13.63 -16.89 9.73
C LEU B 184 13.73 -16.61 11.23
N LEU B 185 12.58 -16.44 11.90
CA LEU B 185 12.57 -16.20 13.33
C LEU B 185 13.23 -17.34 14.10
N TRP B 186 12.85 -18.58 13.80
CA TRP B 186 13.41 -19.67 14.58
C TRP B 186 14.82 -20.05 14.11
N ASN B 187 15.29 -19.47 13.02
CA ASN B 187 16.71 -19.46 12.72
C ASN B 187 17.42 -18.24 13.32
N ASN B 188 16.74 -17.53 14.22
CA ASN B 188 17.27 -16.50 15.10
C ASN B 188 17.58 -15.19 14.38
N ALA B 189 16.95 -14.95 13.24
CA ALA B 189 16.96 -13.59 12.74
C ALA B 189 16.00 -12.74 13.55
N THR B 190 16.23 -11.43 13.54
CA THR B 190 15.21 -10.45 13.93
C THR B 190 14.40 -10.14 12.67
N VAL B 191 13.08 -10.36 12.73
CA VAL B 191 12.25 -10.39 11.52
C VAL B 191 11.18 -9.30 11.59
N THR B 192 11.06 -8.54 10.51
CA THR B 192 9.95 -7.60 10.28
C THR B 192 9.09 -8.13 9.14
N THR B 193 7.78 -8.15 9.35
CA THR B 193 6.85 -8.54 8.30
C THR B 193 6.09 -7.32 7.81
N CYS B 194 6.10 -7.11 6.49
CA CYS B 194 5.37 -6.05 5.82
C CYS B 194 4.28 -6.67 4.97
N HIS B 195 3.31 -5.83 4.57
CA HIS B 195 2.14 -6.26 3.83
C HIS B 195 1.54 -5.02 3.14
N SER B 196 0.35 -5.17 2.56
CA SER B 196 -0.26 -4.07 1.80
C SER B 196 -0.66 -2.88 2.69
N LYS B 197 -0.65 -3.02 4.01
CA LYS B 197 -0.98 -1.91 4.89
C LYS B 197 0.25 -1.25 5.49
N THR B 198 1.45 -1.73 5.18
CA THR B 198 2.65 -1.13 5.72
C THR B 198 2.83 0.26 5.15
N ALA B 199 3.09 1.22 6.02
CA ALA B 199 3.44 2.56 5.58
C ALA B 199 4.95 2.66 5.35
N HIS B 200 5.35 3.52 4.41
CA HIS B 200 6.77 3.76 4.12
C HIS B 200 7.49 2.45 3.85
N LEU B 201 6.90 1.64 2.98
CA LEU B 201 7.47 0.36 2.64
C LEU B 201 8.93 0.46 2.24
N ASP B 202 9.28 1.52 1.49
CA ASP B 202 10.67 1.65 1.05
C ASP B 202 11.61 1.77 2.24
N GLU B 203 11.20 2.52 3.26
CA GLU B 203 12.03 2.66 4.46
C GLU B 203 12.14 1.34 5.20
N GLU B 204 11.05 0.58 5.29
CA GLU B 204 11.08 -0.71 5.96
C GLU B 204 11.98 -1.70 5.22
N VAL B 205 11.89 -1.74 3.90
CA VAL B 205 12.69 -2.68 3.12
C VAL B 205 14.18 -2.41 3.33
N ASN B 206 14.54 -1.13 3.48
CA ASN B 206 15.93 -0.71 3.59
C ASN B 206 16.60 -1.22 4.87
N LYS B 207 15.84 -1.77 5.83
CA LYS B 207 16.44 -2.32 7.04
C LYS B 207 16.83 -3.79 6.91
N GLY B 208 16.51 -4.42 5.79
CA GLY B 208 16.76 -5.85 5.70
C GLY B 208 18.16 -6.24 5.26
N ASP B 209 18.96 -6.84 6.16
CA ASP B 209 20.15 -7.60 5.76
C ASP B 209 19.77 -8.83 4.96
N ILE B 210 18.60 -9.40 5.24
CA ILE B 210 17.99 -10.46 4.46
C ILE B 210 16.63 -9.94 4.05
N LEU B 211 16.30 -10.06 2.77
CA LEU B 211 15.05 -9.53 2.25
C LEU B 211 14.38 -10.62 1.44
N VAL B 212 13.16 -11.00 1.82
CA VAL B 212 12.36 -11.98 1.08
C VAL B 212 11.10 -11.28 0.60
N VAL B 213 10.87 -11.24 -0.71
CA VAL B 213 9.74 -10.53 -1.30
C VAL B 213 8.79 -11.54 -1.92
N ALA B 214 7.54 -11.55 -1.43
CA ALA B 214 6.52 -12.51 -1.83
C ALA B 214 5.18 -11.80 -2.01
N THR B 215 5.15 -10.76 -2.87
CA THR B 215 3.96 -9.92 -3.05
C THR B 215 3.12 -10.22 -4.30
N GLY B 216 3.68 -10.84 -5.33
CA GLY B 216 2.90 -10.93 -6.55
C GLY B 216 2.72 -9.61 -7.30
N GLN B 217 3.54 -8.59 -7.00
CA GLN B 217 3.48 -7.31 -7.70
C GLN B 217 4.76 -7.13 -8.51
N PRO B 218 4.68 -7.09 -9.84
CA PRO B 218 5.91 -7.16 -10.67
C PRO B 218 6.89 -6.03 -10.39
N GLU B 219 8.11 -6.39 -10.01
CA GLU B 219 9.23 -5.44 -9.88
C GLU B 219 8.90 -4.29 -8.93
N MET B 220 8.01 -4.50 -7.97
CA MET B 220 7.55 -3.38 -7.10
C MET B 220 8.67 -2.91 -6.18
N VAL B 221 9.44 -3.85 -5.69
CA VAL B 221 10.50 -3.48 -4.76
C VAL B 221 11.66 -2.94 -5.57
N LYS B 222 11.99 -1.67 -5.35
CA LYS B 222 12.94 -0.94 -6.17
C LYS B 222 14.36 -1.17 -5.68
N GLY B 223 15.31 -1.10 -6.61
CA GLY B 223 16.70 -1.30 -6.25
C GLY B 223 17.17 -0.29 -5.21
N GLU B 224 16.70 0.96 -5.32
CA GLU B 224 17.10 1.98 -4.37
C GLU B 224 16.75 1.58 -2.94
N TRP B 225 15.69 0.79 -2.77
CA TRP B 225 15.23 0.47 -1.42
C TRP B 225 16.16 -0.50 -0.73
N ILE B 226 16.97 -1.24 -1.48
CA ILE B 226 17.75 -2.34 -0.94
C ILE B 226 18.86 -1.80 -0.05
N LYS B 227 19.01 -2.41 1.12
CA LYS B 227 20.17 -2.12 1.96
C LYS B 227 21.42 -2.59 1.24
N PRO B 228 22.46 -1.75 1.13
CA PRO B 228 23.69 -2.19 0.47
C PRO B 228 24.25 -3.45 1.11
N GLY B 229 24.52 -4.46 0.28
CA GLY B 229 25.04 -5.72 0.78
C GLY B 229 23.99 -6.72 1.20
N ALA B 230 22.71 -6.44 0.99
CA ALA B 230 21.64 -7.34 1.42
C ALA B 230 21.66 -8.64 0.63
N ILE B 231 21.15 -9.70 1.27
CA ILE B 231 20.79 -10.95 0.60
C ILE B 231 19.33 -10.85 0.17
N VAL B 232 19.08 -10.83 -1.14
CA VAL B 232 17.75 -10.58 -1.69
C VAL B 232 17.19 -11.89 -2.24
N ILE B 233 16.03 -12.31 -1.72
CA ILE B 233 15.34 -13.54 -2.15
C ILE B 233 14.02 -13.12 -2.78
N ASP B 234 13.86 -13.34 -4.09
CA ASP B 234 12.68 -12.90 -4.84
C ASP B 234 11.79 -14.10 -5.16
N CYS B 235 10.63 -14.19 -4.49
CA CYS B 235 9.69 -15.28 -4.77
C CYS B 235 8.74 -15.00 -5.93
N GLY B 236 8.73 -13.79 -6.47
CA GLY B 236 7.73 -13.43 -7.45
C GLY B 236 7.92 -14.16 -8.78
N ILE B 237 6.79 -14.53 -9.38
CA ILE B 237 6.73 -15.06 -10.75
C ILE B 237 5.58 -14.31 -11.41
N ASN B 238 5.92 -13.30 -12.22
CA ASN B 238 4.91 -12.43 -12.82
C ASN B 238 5.07 -12.44 -14.34
N TYR B 239 3.97 -12.63 -15.05
CA TYR B 239 3.95 -12.59 -16.51
C TYR B 239 3.56 -11.17 -16.94
N VAL B 240 4.50 -10.46 -17.55
CA VAL B 240 4.34 -9.06 -17.95
C VAL B 240 4.73 -8.92 -19.42
N PRO B 241 4.51 -7.75 -20.06
CA PRO B 241 5.08 -7.52 -21.40
C PRO B 241 6.59 -7.30 -21.38
N LYS B 250 7.23 -11.82 -21.02
CA LYS B 250 8.39 -12.16 -20.22
C LYS B 250 8.04 -12.35 -18.74
N VAL B 251 8.89 -13.07 -18.02
CA VAL B 251 8.68 -13.36 -16.61
C VAL B 251 9.60 -12.46 -15.80
N VAL B 252 9.01 -11.69 -14.87
CA VAL B 252 9.80 -10.91 -13.92
C VAL B 252 9.35 -11.25 -12.50
N GLY B 253 10.22 -10.95 -11.54
CA GLY B 253 9.94 -11.18 -10.14
C GLY B 253 9.34 -9.95 -9.49
N ASP B 254 9.23 -9.99 -8.16
CA ASP B 254 8.68 -8.82 -7.41
C ASP B 254 9.74 -7.78 -7.10
N VAL B 255 10.99 -8.07 -7.42
CA VAL B 255 12.07 -7.09 -7.21
C VAL B 255 12.57 -6.60 -8.57
N ALA B 256 12.81 -5.30 -8.69
CA ALA B 256 13.42 -4.72 -9.89
C ALA B 256 14.86 -5.19 -9.98
N TYR B 257 15.09 -6.24 -10.78
CA TYR B 257 16.30 -7.05 -10.68
C TYR B 257 17.55 -6.26 -11.07
N ASP B 258 17.45 -5.44 -12.13
CA ASP B 258 18.63 -4.75 -12.64
C ASP B 258 19.19 -3.78 -11.61
N GLU B 259 18.33 -2.94 -11.03
CA GLU B 259 18.76 -2.00 -10.00
C GLU B 259 19.22 -2.74 -8.74
N ALA B 260 18.54 -3.82 -8.38
CA ALA B 260 18.81 -4.50 -7.11
C ALA B 260 20.15 -5.23 -7.12
N LYS B 261 20.51 -5.86 -8.25
CA LYS B 261 21.77 -6.60 -8.29
C LYS B 261 22.96 -5.67 -8.11
N GLU B 262 22.79 -4.39 -8.39
CA GLU B 262 23.86 -3.42 -8.18
C GLU B 262 24.07 -3.07 -6.70
N ARG B 263 23.19 -3.52 -5.80
CA ARG B 263 23.29 -3.17 -4.40
C ARG B 263 23.33 -4.36 -3.46
N ALA B 264 22.73 -5.49 -3.83
CA ALA B 264 22.76 -6.69 -3.01
C ALA B 264 24.15 -7.33 -3.05
N SER B 265 24.41 -8.18 -2.05
CA SER B 265 25.55 -9.09 -2.10
C SER B 265 25.20 -10.42 -2.75
N PHE B 266 23.95 -10.87 -2.61
CA PHE B 266 23.48 -12.09 -3.26
C PHE B 266 22.03 -11.85 -3.68
N ILE B 267 21.66 -12.34 -4.87
CA ILE B 267 20.31 -12.13 -5.36
C ILE B 267 19.88 -13.35 -6.16
N THR B 268 18.59 -13.71 -6.04
CA THR B 268 17.93 -14.77 -6.80
C THR B 268 17.44 -14.20 -8.12
N PRO B 269 17.81 -14.81 -9.25
CA PRO B 269 17.23 -14.41 -10.53
C PRO B 269 15.82 -14.96 -10.66
N VAL B 270 15.05 -14.35 -11.56
CA VAL B 270 13.74 -14.85 -11.94
C VAL B 270 13.70 -14.95 -13.46
N PRO B 271 13.44 -16.13 -14.05
CA PRO B 271 13.29 -17.45 -13.43
C PRO B 271 14.61 -18.05 -12.97
N GLY B 272 14.61 -19.29 -12.49
CA GLY B 272 15.83 -19.97 -12.11
C GLY B 272 16.31 -19.76 -10.69
N GLY B 273 15.48 -19.15 -9.82
CA GLY B 273 15.88 -18.92 -8.45
C GLY B 273 15.08 -19.74 -7.46
N VAL B 274 14.07 -19.11 -6.87
CA VAL B 274 13.27 -19.75 -5.83
C VAL B 274 12.44 -20.89 -6.40
N GLY B 275 11.90 -20.73 -7.61
CA GLY B 275 10.96 -21.69 -8.18
C GLY B 275 11.44 -23.13 -8.20
N PRO B 276 12.60 -23.38 -8.81
CA PRO B 276 13.16 -24.74 -8.77
C PRO B 276 13.42 -25.24 -7.37
N MET B 277 13.73 -24.34 -6.44
CA MET B 277 13.94 -24.76 -5.06
C MET B 277 12.63 -25.19 -4.41
N THR B 278 11.53 -24.47 -4.70
CA THR B 278 10.22 -24.91 -4.20
C THR B 278 9.96 -26.35 -4.56
N VAL B 279 10.15 -26.70 -5.84
CA VAL B 279 9.87 -28.06 -6.30
C VAL B 279 10.80 -29.06 -5.63
N ALA B 280 12.09 -28.73 -5.57
CA ALA B 280 13.02 -29.65 -4.94
C ALA B 280 12.63 -29.95 -3.50
N MET B 281 12.20 -28.91 -2.77
CA MET B 281 11.87 -29.09 -1.37
C MET B 281 10.61 -29.93 -1.16
N LEU B 282 9.66 -29.84 -2.09
CA LEU B 282 8.50 -30.75 -2.05
C LEU B 282 8.93 -32.20 -2.19
N MET B 283 9.85 -32.49 -3.13
CA MET B 283 10.32 -33.87 -3.30
C MET B 283 11.06 -34.35 -2.05
N GLN B 284 11.88 -33.49 -1.46
CA GLN B 284 12.54 -33.81 -0.19
C GLN B 284 11.53 -34.13 0.91
N SER B 285 10.50 -33.29 1.07
CA SER B 285 9.47 -33.60 2.08
C SER B 285 8.76 -34.91 1.75
N THR B 286 8.54 -35.18 0.46
CA THR B 286 7.89 -36.43 0.10
C THR B 286 8.76 -37.62 0.48
N VAL B 287 10.05 -37.57 0.15
CA VAL B 287 10.96 -38.64 0.56
C VAL B 287 10.96 -38.78 2.08
N GLU B 288 10.96 -37.66 2.79
CA GLU B 288 10.99 -37.69 4.26
C GLU B 288 9.75 -38.40 4.81
N SER B 289 8.57 -38.13 4.26
CA SER B 289 7.40 -38.84 4.75
C SER B 289 7.40 -40.30 4.33
N ALA B 290 8.05 -40.64 3.21
CA ALA B 290 8.20 -42.05 2.88
C ALA B 290 9.08 -42.76 3.91
N LYS B 291 10.25 -42.19 4.19
CA LYS B 291 11.14 -42.76 5.20
C LYS B 291 10.47 -42.84 6.56
N ARG B 292 9.76 -41.78 6.96
CA ARG B 292 9.07 -41.81 8.24
C ARG B 292 8.02 -42.90 8.27
N PHE B 293 7.36 -43.16 7.14
CA PHE B 293 6.30 -44.17 7.11
C PHE B 293 6.85 -45.55 7.42
N LEU B 294 8.01 -45.87 6.87
CA LEU B 294 8.67 -47.18 7.14
C LEU B 294 8.77 -47.38 8.65
N GLU B 295 9.33 -46.43 9.40
CA GLU B 295 9.31 -46.48 10.85
C GLU B 295 7.87 -46.36 11.35
N ALA C 1 -15.79 23.40 22.80
CA ALA C 1 -16.79 23.65 21.74
C ALA C 1 -16.36 22.91 20.48
N PRO C 2 -17.12 21.91 20.00
CA PRO C 2 -16.71 21.13 18.86
C PRO C 2 -17.02 21.75 17.49
N ALA C 3 -16.30 21.30 16.46
CA ALA C 3 -16.55 21.73 15.09
C ALA C 3 -17.96 21.37 14.65
N GLU C 4 -18.53 22.22 13.79
CA GLU C 4 -19.77 21.90 13.10
C GLU C 4 -19.55 20.74 12.13
N ILE C 5 -20.53 19.84 12.08
CA ILE C 5 -20.42 18.63 11.28
C ILE C 5 -20.90 18.92 9.87
N LEU C 6 -20.07 18.59 8.88
CA LEU C 6 -20.46 18.66 7.48
C LEU C 6 -21.10 17.32 7.12
N ASN C 7 -22.43 17.28 7.09
CA ASN C 7 -23.18 16.04 6.96
C ASN C 7 -23.33 15.68 5.49
N GLY C 8 -22.42 14.85 5.00
CA GLY C 8 -22.44 14.44 3.61
C GLY C 8 -23.65 13.61 3.24
N LYS C 9 -24.15 12.81 4.18
CA LYS C 9 -25.39 12.06 3.94
C LYS C 9 -26.56 12.99 3.64
N GLU C 10 -26.72 14.05 4.44
CA GLU C 10 -27.83 14.98 4.21
C GLU C 10 -27.60 15.80 2.95
N ILE C 11 -26.40 16.34 2.80
CA ILE C 11 -26.11 17.18 1.63
C ILE C 11 -26.26 16.37 0.35
N SER C 12 -25.78 15.12 0.35
CA SER C 12 -25.88 14.33 -0.89
C SER C 12 -27.32 13.93 -1.17
N ALA C 13 -28.15 13.77 -0.13
CA ALA C 13 -29.56 13.45 -0.35
C ALA C 13 -30.27 14.59 -1.07
N GLN C 14 -29.93 15.84 -0.72
CA GLN C 14 -30.49 16.99 -1.44
C GLN C 14 -30.03 17.01 -2.89
N ILE C 15 -28.77 16.66 -3.15
CA ILE C 15 -28.29 16.66 -4.53
C ILE C 15 -29.02 15.61 -5.35
N ARG C 16 -29.15 14.39 -4.81
CA ARG C 16 -29.82 13.31 -5.54
C ARG C 16 -31.31 13.61 -5.77
N ALA C 17 -31.99 14.21 -4.77
CA ALA C 17 -33.36 14.65 -4.98
C ALA C 17 -33.46 15.64 -6.13
N ARG C 18 -32.53 16.62 -6.18
CA ARG C 18 -32.53 17.57 -7.29
C ARG C 18 -32.29 16.87 -8.62
N LEU C 19 -31.32 15.96 -8.67
CA LEU C 19 -31.06 15.23 -9.91
C LEU C 19 -32.23 14.34 -10.29
N LYS C 20 -32.89 13.74 -9.30
CA LYS C 20 -34.06 12.91 -9.58
C LYS C 20 -35.12 13.72 -10.32
N ASN C 21 -35.47 14.90 -9.77
CA ASN C 21 -36.47 15.73 -10.44
C ASN C 21 -35.97 16.22 -11.77
N GLN C 22 -34.67 16.42 -11.91
CA GLN C 22 -34.13 16.95 -13.19
C GLN C 22 -34.18 15.85 -14.25
N VAL C 23 -34.08 14.59 -13.84
CA VAL C 23 -34.14 13.49 -14.80
C VAL C 23 -35.59 13.11 -15.11
N THR C 24 -36.51 13.22 -14.12
CA THR C 24 -37.92 12.95 -14.41
C THR C 24 -38.49 13.93 -15.44
N GLN C 25 -38.01 15.18 -15.38
CA GLN C 25 -38.47 16.22 -16.33
C GLN C 25 -37.88 15.92 -17.69
N LEU C 26 -36.64 15.48 -17.69
CA LEU C 26 -35.93 15.21 -18.94
C LEU C 26 -36.60 14.07 -19.70
N LYS C 27 -37.04 13.04 -18.99
CA LYS C 27 -37.79 11.95 -19.61
C LYS C 27 -39.17 12.40 -20.06
N GLU C 28 -39.65 13.55 -19.58
CA GLU C 28 -40.88 14.13 -20.09
C GLU C 28 -40.61 14.96 -21.35
N GLN C 29 -39.55 15.78 -21.34
CA GLN C 29 -39.28 16.66 -22.47
C GLN C 29 -38.86 15.87 -23.72
N VAL C 30 -38.16 14.77 -23.50
CA VAL C 30 -37.71 13.90 -24.64
C VAL C 30 -38.16 12.49 -24.30
N PRO C 31 -39.40 12.09 -24.62
CA PRO C 31 -39.90 10.78 -24.25
C PRO C 31 -39.04 9.68 -24.88
N GLY C 32 -38.81 8.58 -24.14
CA GLY C 32 -37.95 7.49 -24.62
C GLY C 32 -36.50 7.67 -24.22
N PHE C 33 -36.09 8.89 -23.86
CA PHE C 33 -34.67 9.18 -23.53
C PHE C 33 -34.40 8.84 -22.07
N THR C 34 -33.25 8.21 -21.84
CA THR C 34 -32.89 7.85 -20.47
C THR C 34 -31.39 7.99 -20.28
N PRO C 35 -30.95 8.83 -19.35
CA PRO C 35 -29.50 8.95 -19.11
C PRO C 35 -28.91 7.62 -18.69
N ARG C 36 -27.75 7.30 -19.24
CA ARG C 36 -27.20 5.96 -19.05
C ARG C 36 -25.72 6.00 -18.74
N LEU C 37 -25.36 5.33 -17.65
CA LEU C 37 -24.01 5.18 -17.13
C LEU C 37 -23.61 3.72 -17.20
N ALA C 38 -22.37 3.45 -17.60
CA ALA C 38 -21.81 2.10 -17.52
C ALA C 38 -20.64 2.10 -16.56
N ILE C 39 -20.55 1.06 -15.74
CA ILE C 39 -19.40 0.87 -14.88
C ILE C 39 -18.72 -0.43 -15.29
N LEU C 40 -17.46 -0.34 -15.67
CA LEU C 40 -16.68 -1.50 -16.04
C LEU C 40 -15.81 -1.91 -14.85
N GLN C 41 -15.93 -3.17 -14.43
CA GLN C 41 -15.13 -3.74 -13.35
C GLN C 41 -14.34 -4.91 -13.89
N VAL C 42 -13.04 -4.95 -13.58
CA VAL C 42 -12.19 -6.10 -13.87
C VAL C 42 -11.83 -6.73 -12.53
N GLY C 43 -12.22 -7.98 -12.35
CA GLY C 43 -11.96 -8.68 -11.11
C GLY C 43 -13.18 -8.70 -10.20
N ASN C 44 -12.93 -9.06 -8.95
CA ASN C 44 -14.01 -9.22 -7.99
C ASN C 44 -13.60 -8.74 -6.59
N ARG C 45 -12.92 -7.60 -6.52
CA ARG C 45 -12.52 -7.05 -5.23
C ARG C 45 -13.75 -6.71 -4.37
N ASP C 46 -13.66 -7.03 -3.08
CA ASP C 46 -14.79 -6.81 -2.19
C ASP C 46 -15.15 -5.33 -2.03
N ASP C 47 -14.15 -4.45 -1.87
CA ASP C 47 -14.47 -3.03 -1.73
C ASP C 47 -15.07 -2.47 -3.02
N SER C 48 -14.52 -2.88 -4.17
CA SER C 48 -15.07 -2.45 -5.46
C SER C 48 -16.50 -2.92 -5.63
N ASN C 49 -16.82 -4.14 -5.19
CA ASN C 49 -18.20 -4.61 -5.26
C ASN C 49 -19.12 -3.71 -4.44
N LEU C 50 -18.69 -3.34 -3.23
CA LEU C 50 -19.53 -2.46 -2.41
C LEU C 50 -19.75 -1.09 -3.07
N TYR C 51 -18.66 -0.42 -3.47
CA TYR C 51 -18.79 0.92 -4.05
C TYR C 51 -19.64 0.91 -5.32
N ILE C 52 -19.44 -0.10 -6.17
CA ILE C 52 -20.23 -0.17 -7.41
C ILE C 52 -21.71 -0.31 -7.09
N ASN C 53 -22.04 -1.18 -6.12
CA ASN C 53 -23.44 -1.36 -5.73
C ASN C 53 -24.04 -0.06 -5.21
N VAL C 54 -23.27 0.69 -4.40
CA VAL C 54 -23.79 1.95 -3.89
C VAL C 54 -24.07 2.91 -5.04
N LYS C 55 -23.19 2.94 -6.05
CA LYS C 55 -23.41 3.77 -7.24
C LYS C 55 -24.63 3.33 -8.05
N LEU C 56 -24.79 2.02 -8.26
CA LEU C 56 -25.96 1.51 -8.99
C LEU C 56 -27.25 1.85 -8.26
N LYS C 57 -27.25 1.74 -6.93
CA LYS C 57 -28.43 2.09 -6.16
C LYS C 57 -28.77 3.56 -6.31
N ALA C 58 -27.76 4.44 -6.26
CA ALA C 58 -28.02 5.87 -6.41
C ALA C 58 -28.56 6.19 -7.79
N ALA C 59 -27.96 5.58 -8.83
CA ALA C 59 -28.44 5.84 -10.18
C ALA C 59 -29.90 5.45 -10.33
N GLU C 60 -30.27 4.27 -9.82
CA GLU C 60 -31.63 3.77 -9.92
C GLU C 60 -32.63 4.66 -9.17
N GLU C 61 -32.24 5.17 -8.00
CA GLU C 61 -33.12 6.08 -7.28
C GLU C 61 -33.35 7.39 -8.03
N ILE C 62 -32.35 7.83 -8.79
CA ILE C 62 -32.46 9.08 -9.55
C ILE C 62 -33.20 8.87 -10.88
N GLY C 63 -33.20 7.66 -11.43
CA GLY C 63 -33.73 7.40 -12.75
C GLY C 63 -32.69 7.24 -13.83
N ILE C 64 -31.40 7.13 -13.47
CA ILE C 64 -30.35 6.85 -14.43
C ILE C 64 -30.27 5.33 -14.63
N LYS C 65 -30.17 4.91 -15.88
CA LYS C 65 -29.93 3.51 -16.17
C LYS C 65 -28.44 3.26 -16.01
N ALA C 66 -28.07 2.38 -15.08
CA ALA C 66 -26.67 2.09 -14.82
C ALA C 66 -26.39 0.62 -15.09
N THR C 67 -25.35 0.36 -15.88
CA THR C 67 -24.97 -0.98 -16.34
C THR C 67 -23.67 -1.38 -15.69
N HIS C 68 -23.70 -2.43 -14.88
CA HIS C 68 -22.50 -2.99 -14.29
C HIS C 68 -21.97 -4.08 -15.22
N ILE C 69 -20.74 -3.92 -15.70
CA ILE C 69 -20.10 -4.90 -16.57
C ILE C 69 -18.92 -5.47 -15.79
N LYS C 70 -19.02 -6.74 -15.40
CA LYS C 70 -17.98 -7.35 -14.59
C LYS C 70 -17.29 -8.45 -15.40
N LEU C 71 -16.04 -8.22 -15.73
CA LEU C 71 -15.13 -9.15 -16.38
C LEU C 71 -14.36 -9.96 -15.35
N PRO C 72 -14.11 -11.23 -15.63
CA PRO C 72 -13.36 -12.07 -14.68
C PRO C 72 -11.91 -11.65 -14.59
N ARG C 73 -11.26 -12.04 -13.49
CA ARG C 73 -9.86 -11.73 -13.27
C ARG C 73 -8.95 -12.32 -14.34
N THR C 74 -9.43 -13.34 -15.07
CA THR C 74 -8.69 -13.94 -16.17
C THR C 74 -8.64 -13.05 -17.42
N THR C 75 -9.40 -11.95 -17.43
CA THR C 75 -9.43 -11.07 -18.60
C THR C 75 -8.05 -10.50 -18.89
N THR C 76 -7.77 -10.32 -20.17
CA THR C 76 -6.53 -9.71 -20.62
C THR C 76 -6.76 -8.25 -21.00
N GLU C 77 -5.65 -7.52 -21.20
CA GLU C 77 -5.72 -6.11 -21.56
C GLU C 77 -6.43 -5.93 -22.90
N SER C 78 -6.09 -6.76 -23.89
CA SER C 78 -6.71 -6.65 -25.21
C SER C 78 -8.22 -6.82 -25.12
N GLU C 79 -8.70 -7.73 -24.26
CA GLU C 79 -10.15 -7.93 -24.15
C GLU C 79 -10.83 -6.75 -23.45
N VAL C 80 -10.16 -6.13 -22.46
CA VAL C 80 -10.71 -4.95 -21.81
C VAL C 80 -10.84 -3.81 -22.82
N MET C 81 -9.81 -3.62 -23.64
CA MET C 81 -9.83 -2.55 -24.65
C MET C 81 -11.02 -2.70 -25.60
N LYS C 82 -11.42 -3.93 -25.91
CA LYS C 82 -12.56 -4.14 -26.80
C LYS C 82 -13.85 -3.66 -26.15
N TYR C 83 -13.99 -3.85 -24.84
CA TYR C 83 -15.15 -3.33 -24.14
C TYR C 83 -15.13 -1.80 -24.11
N ILE C 84 -13.96 -1.21 -23.92
CA ILE C 84 -13.88 0.25 -23.83
C ILE C 84 -14.24 0.87 -25.18
N THR C 85 -13.67 0.33 -26.26
CA THR C 85 -14.05 0.77 -27.60
C THR C 85 -15.55 0.61 -27.81
N SER C 86 -16.11 -0.51 -27.35
CA SER C 86 -17.55 -0.74 -27.51
C SER C 86 -18.38 0.29 -26.74
N LEU C 87 -17.93 0.68 -25.55
CA LEU C 87 -18.65 1.70 -24.80
C LEU C 87 -18.43 3.09 -25.40
N ASN C 88 -17.25 3.35 -25.94
CA ASN C 88 -17.01 4.60 -26.67
C ASN C 88 -18.00 4.77 -27.81
N GLU C 89 -18.34 3.67 -28.50
CA GLU C 89 -19.12 3.76 -29.72
C GLU C 89 -20.61 3.45 -29.51
N ASP C 90 -21.01 3.06 -28.30
CA ASP C 90 -22.41 2.83 -27.97
C ASP C 90 -23.06 4.17 -27.64
N SER C 91 -23.84 4.69 -28.59
CA SER C 91 -24.47 6.00 -28.44
C SER C 91 -25.51 6.06 -27.32
N THR C 92 -26.05 4.92 -26.88
CA THR C 92 -26.97 4.94 -25.74
C THR C 92 -26.25 5.12 -24.41
N VAL C 93 -24.92 4.96 -24.38
CA VAL C 93 -24.12 5.12 -23.16
C VAL C 93 -23.51 6.52 -23.18
N HIS C 94 -23.90 7.33 -22.20
CA HIS C 94 -23.49 8.72 -22.16
C HIS C 94 -22.23 8.93 -21.32
N GLY C 95 -22.08 8.17 -20.25
CA GLY C 95 -20.86 8.22 -19.46
C GLY C 95 -20.49 6.84 -19.00
N PHE C 96 -19.19 6.59 -18.88
CA PHE C 96 -18.82 5.34 -18.25
C PHE C 96 -17.48 5.51 -17.55
N LEU C 97 -17.22 4.60 -16.62
CA LEU C 97 -16.00 4.62 -15.82
C LEU C 97 -15.51 3.20 -15.61
N VAL C 98 -14.22 3.09 -15.33
CA VAL C 98 -13.59 1.83 -14.96
C VAL C 98 -13.26 1.92 -13.48
N GLN C 99 -13.88 1.07 -12.67
CA GLN C 99 -13.64 1.07 -11.23
C GLN C 99 -12.19 0.66 -10.97
N LEU C 100 -11.48 1.46 -10.20
CA LEU C 100 -10.08 1.17 -9.94
C LEU C 100 -9.89 0.71 -8.49
N PRO C 101 -8.85 -0.09 -8.19
CA PRO C 101 -7.83 -0.65 -9.09
C PRO C 101 -8.34 -1.88 -9.85
N LEU C 102 -7.77 -2.17 -11.00
CA LEU C 102 -8.09 -3.40 -11.72
C LEU C 102 -7.58 -4.61 -10.94
N ASP C 103 -8.40 -5.65 -10.89
CA ASP C 103 -8.05 -6.88 -10.19
C ASP C 103 -7.92 -7.97 -11.26
N SER C 104 -6.71 -8.10 -11.80
CA SER C 104 -6.47 -9.06 -12.86
C SER C 104 -5.28 -9.95 -12.50
N GLU C 105 -5.42 -11.24 -12.78
CA GLU C 105 -4.26 -12.12 -12.76
C GLU C 105 -3.22 -11.66 -13.77
N ASN C 106 -3.66 -11.35 -15.00
CA ASN C 106 -2.80 -10.83 -16.03
C ASN C 106 -2.51 -9.35 -15.77
N SER C 107 -1.24 -8.96 -15.95
CA SER C 107 -0.88 -7.56 -15.77
C SER C 107 -1.48 -6.72 -16.90
N ILE C 108 -2.34 -5.76 -16.53
CA ILE C 108 -3.03 -4.90 -17.46
C ILE C 108 -2.58 -3.47 -17.19
N ASN C 109 -2.19 -2.75 -18.24
CA ASN C 109 -1.68 -1.40 -18.09
C ASN C 109 -2.84 -0.44 -17.85
N THR C 110 -2.94 0.07 -16.62
CA THR C 110 -4.11 0.85 -16.23
C THR C 110 -4.19 2.14 -17.02
N GLU C 111 -3.05 2.81 -17.24
CA GLU C 111 -3.05 4.10 -17.92
C GLU C 111 -3.51 3.95 -19.37
N GLU C 112 -3.11 2.87 -20.04
CA GLU C 112 -3.57 2.64 -21.41
C GLU C 112 -5.07 2.42 -21.46
N VAL C 113 -5.60 1.62 -20.51
CA VAL C 113 -7.03 1.36 -20.47
C VAL C 113 -7.80 2.64 -20.15
N ILE C 114 -7.38 3.36 -19.13
CA ILE C 114 -8.10 4.57 -18.72
C ILE C 114 -8.12 5.58 -19.85
N ASN C 115 -7.01 5.75 -20.55
CA ASN C 115 -6.90 6.80 -21.54
C ASN C 115 -7.52 6.41 -22.88
N ALA C 116 -8.02 5.20 -23.03
CA ALA C 116 -8.83 4.86 -24.18
C ALA C 116 -10.28 5.31 -24.04
N ILE C 117 -10.68 5.75 -22.86
CA ILE C 117 -12.04 6.24 -22.66
C ILE C 117 -12.23 7.54 -23.42
N ALA C 118 -13.36 7.66 -24.12
CA ALA C 118 -13.68 8.92 -24.78
C ALA C 118 -13.84 10.01 -23.73
N PRO C 119 -13.11 11.13 -23.82
CA PRO C 119 -13.21 12.16 -22.79
C PRO C 119 -14.61 12.76 -22.61
N GLU C 120 -15.42 12.80 -23.67
CA GLU C 120 -16.81 13.24 -23.50
C GLU C 120 -17.65 12.26 -22.69
N LYS C 121 -17.19 11.02 -22.52
CA LYS C 121 -17.88 10.05 -21.66
C LYS C 121 -17.15 9.78 -20.35
N ASP C 122 -16.03 10.47 -20.10
CA ASP C 122 -15.13 10.19 -18.97
C ASP C 122 -15.65 10.85 -17.70
N VAL C 123 -16.80 10.35 -17.22
CA VAL C 123 -17.47 11.03 -16.10
C VAL C 123 -16.67 10.93 -14.79
N ASP C 124 -15.71 10.01 -14.70
CA ASP C 124 -14.83 9.98 -13.53
C ASP C 124 -13.67 10.96 -13.64
N GLY C 125 -13.49 11.61 -14.78
CA GLY C 125 -12.36 12.49 -14.98
C GLY C 125 -11.02 11.80 -14.88
N LEU C 126 -10.92 10.55 -15.32
CA LEU C 126 -9.66 9.82 -15.16
C LEU C 126 -8.72 9.89 -16.37
N THR C 127 -9.19 10.36 -17.54
CA THR C 127 -8.29 10.44 -18.69
C THR C 127 -7.28 11.57 -18.52
N SER C 128 -6.11 11.39 -19.12
CA SER C 128 -5.10 12.46 -19.09
C SER C 128 -5.63 13.75 -19.72
N ILE C 129 -6.51 13.63 -20.71
CA ILE C 129 -7.08 14.82 -21.35
C ILE C 129 -7.89 15.63 -20.34
N ASN C 130 -8.77 14.96 -19.59
CA ASN C 130 -9.56 15.70 -18.60
C ASN C 130 -8.69 16.18 -17.45
N ALA C 131 -7.70 15.40 -17.05
CA ALA C 131 -6.79 15.84 -16.00
C ALA C 131 -5.99 17.08 -16.43
N GLY C 132 -5.49 17.08 -17.67
CA GLY C 132 -4.73 18.22 -18.16
C GLY C 132 -5.55 19.49 -18.23
N ARG C 133 -6.82 19.39 -18.63
CA ARG C 133 -7.69 20.55 -18.66
C ARG C 133 -7.89 21.11 -17.25
N LEU C 134 -8.24 20.24 -16.30
CA LEU C 134 -8.38 20.68 -14.92
C LEU C 134 -7.07 21.24 -14.38
N ALA C 135 -5.95 20.58 -14.68
CA ALA C 135 -4.67 20.98 -14.11
C ALA C 135 -4.18 22.32 -14.62
N ARG C 136 -4.69 22.79 -15.75
CA ARG C 136 -4.26 24.07 -16.29
C ARG C 136 -5.36 25.12 -16.22
N GLY C 137 -6.43 24.86 -15.47
CA GLY C 137 -7.43 25.88 -15.22
C GLY C 137 -8.62 25.88 -16.13
N ASP C 138 -8.68 24.98 -17.11
CA ASP C 138 -9.80 24.89 -18.07
C ASP C 138 -10.93 24.02 -17.52
N LEU C 139 -11.57 24.50 -16.46
CA LEU C 139 -12.51 23.70 -15.67
C LEU C 139 -13.86 23.47 -16.35
N ASN C 140 -14.15 24.15 -17.46
CA ASN C 140 -15.48 24.10 -18.04
C ASN C 140 -15.58 23.16 -19.24
N ASP C 141 -14.46 22.73 -19.81
CA ASP C 141 -14.45 21.73 -20.86
C ASP C 141 -14.06 20.35 -20.35
N CYS C 142 -14.23 20.06 -19.06
CA CYS C 142 -13.69 18.81 -18.54
C CYS C 142 -14.56 18.23 -17.44
N PHE C 143 -14.43 16.93 -17.26
CA PHE C 143 -15.04 16.24 -16.14
C PHE C 143 -14.06 16.27 -14.98
N ILE C 144 -14.53 16.77 -13.84
CA ILE C 144 -13.70 16.83 -12.63
C ILE C 144 -13.93 15.54 -11.84
N PRO C 145 -12.89 14.90 -11.31
CA PRO C 145 -13.08 13.67 -10.53
C PRO C 145 -14.07 13.87 -9.38
N CYS C 146 -14.84 12.82 -9.09
CA CYS C 146 -16.04 12.93 -8.25
C CYS C 146 -15.73 13.19 -6.78
N THR C 147 -14.68 12.56 -6.24
CA THR C 147 -14.35 12.86 -4.84
C THR C 147 -13.89 14.30 -4.68
N PRO C 148 -12.96 14.84 -5.49
CA PRO C 148 -12.67 16.29 -5.37
C PRO C 148 -13.90 17.18 -5.59
N LYS C 149 -14.78 16.82 -6.54
CA LYS C 149 -16.02 17.60 -6.71
C LYS C 149 -16.82 17.62 -5.44
N GLY C 150 -16.95 16.44 -4.79
CA GLY C 150 -17.73 16.37 -3.56
C GLY C 150 -17.08 17.14 -2.44
N CYS C 151 -15.76 17.06 -2.33
CA CYS C 151 -15.05 17.85 -1.32
C CYS C 151 -15.31 19.34 -1.49
N LEU C 152 -15.28 19.83 -2.74
CA LEU C 152 -15.45 21.26 -2.98
C LEU C 152 -16.83 21.70 -2.53
N GLU C 153 -17.84 20.88 -2.81
CA GLU C 153 -19.20 21.18 -2.35
C GLU C 153 -19.28 21.21 -0.82
N LEU C 154 -18.58 20.29 -0.14
CA LEU C 154 -18.58 20.31 1.33
C LEU C 154 -17.90 21.56 1.87
N ILE C 155 -16.77 21.96 1.28
CA ILE C 155 -16.11 23.20 1.68
C ILE C 155 -17.03 24.40 1.50
N LYS C 156 -17.71 24.49 0.35
CA LYS C 156 -18.60 25.61 0.10
C LYS C 156 -19.75 25.64 1.08
N GLU C 157 -20.20 24.47 1.56
CA GLU C 157 -21.29 24.44 2.51
C GLU C 157 -20.97 25.19 3.79
N THR C 158 -19.67 25.38 4.10
CA THR C 158 -19.32 26.12 5.30
C THR C 158 -19.76 27.57 5.21
N GLY C 159 -19.92 28.12 4.00
CA GLY C 159 -20.13 29.53 3.81
C GLY C 159 -18.88 30.39 3.89
N VAL C 160 -17.71 29.77 4.02
CA VAL C 160 -16.45 30.50 4.16
C VAL C 160 -15.80 30.57 2.77
N PRO C 161 -15.53 31.77 2.26
CA PRO C 161 -14.91 31.86 0.92
C PRO C 161 -13.59 31.13 0.86
N ILE C 162 -13.32 30.53 -0.30
CA ILE C 162 -12.07 29.81 -0.51
C ILE C 162 -10.94 30.75 -0.89
N ALA C 163 -11.25 31.79 -1.69
CA ALA C 163 -10.21 32.66 -2.22
C ALA C 163 -9.40 33.27 -1.08
N GLY C 164 -8.08 33.23 -1.22
CA GLY C 164 -7.19 33.80 -0.24
C GLY C 164 -6.75 32.85 0.87
N ARG C 165 -7.52 31.79 1.16
CA ARG C 165 -7.16 30.89 2.25
C ARG C 165 -5.99 30.00 1.83
N HIS C 166 -5.22 29.55 2.82
CA HIS C 166 -4.19 28.56 2.58
C HIS C 166 -4.81 27.18 2.75
N ALA C 167 -4.78 26.37 1.70
CA ALA C 167 -5.30 25.01 1.69
C ALA C 167 -4.12 24.04 1.68
N VAL C 168 -4.27 22.97 2.45
CA VAL C 168 -3.27 21.91 2.49
C VAL C 168 -3.95 20.62 2.08
N VAL C 169 -3.41 19.97 1.06
CA VAL C 169 -3.89 18.68 0.60
C VAL C 169 -2.82 17.67 0.96
N VAL C 170 -3.22 16.63 1.70
CA VAL C 170 -2.33 15.54 2.06
C VAL C 170 -2.67 14.36 1.16
N GLY C 171 -1.75 14.01 0.28
CA GLY C 171 -2.03 13.01 -0.74
C GLY C 171 -2.01 13.62 -2.14
N ARG C 172 -1.45 12.87 -3.09
CA ARG C 172 -1.40 13.36 -4.47
C ARG C 172 -1.84 12.28 -5.47
N SER C 173 -2.80 11.44 -5.10
CA SER C 173 -3.20 10.34 -5.97
C SER C 173 -4.03 10.85 -7.17
N LYS C 174 -4.06 10.01 -8.21
CA LYS C 174 -4.69 10.38 -9.48
C LYS C 174 -6.16 10.72 -9.32
N ILE C 175 -6.87 9.97 -8.49
CA ILE C 175 -8.31 10.11 -8.43
C ILE C 175 -8.76 11.07 -7.33
N VAL C 176 -7.90 11.39 -6.36
CA VAL C 176 -8.30 12.24 -5.25
C VAL C 176 -7.36 13.42 -5.01
N GLY C 177 -6.12 13.13 -4.58
CA GLY C 177 -5.25 14.20 -4.08
C GLY C 177 -4.82 15.21 -5.14
N ALA C 178 -4.31 14.71 -6.27
CA ALA C 178 -3.82 15.63 -7.29
C ALA C 178 -4.95 16.48 -7.89
N PRO C 179 -6.09 15.92 -8.33
CA PRO C 179 -7.18 16.81 -8.79
C PRO C 179 -7.73 17.71 -7.70
N MET C 180 -7.67 17.29 -6.42
CA MET C 180 -8.09 18.20 -5.34
C MET C 180 -7.23 19.46 -5.31
N HIS C 181 -5.92 19.30 -5.44
CA HIS C 181 -5.05 20.47 -5.48
C HIS C 181 -5.48 21.42 -6.59
N ASP C 182 -5.75 20.89 -7.78
CA ASP C 182 -6.10 21.75 -8.91
C ASP C 182 -7.40 22.50 -8.64
N LEU C 183 -8.40 21.80 -8.12
CA LEU C 183 -9.71 22.40 -7.85
C LEU C 183 -9.60 23.54 -6.86
N LEU C 184 -8.85 23.34 -5.76
CA LEU C 184 -8.66 24.41 -4.78
C LEU C 184 -7.87 25.55 -5.39
N LEU C 185 -6.84 25.22 -6.19
CA LEU C 185 -5.99 26.25 -6.80
C LEU C 185 -6.82 27.16 -7.70
N TRP C 186 -7.72 26.59 -8.50
CA TRP C 186 -8.49 27.41 -9.44
C TRP C 186 -9.74 28.01 -8.81
N ASN C 187 -10.00 27.68 -7.54
CA ASN C 187 -10.87 28.46 -6.69
C ASN C 187 -10.12 29.50 -5.87
N ASN C 188 -8.84 29.71 -6.19
CA ASN C 188 -8.02 30.82 -5.72
C ASN C 188 -7.55 30.68 -4.28
N ALA C 189 -7.48 29.45 -3.75
CA ALA C 189 -6.69 29.21 -2.55
C ALA C 189 -5.21 29.17 -2.90
N THR C 190 -4.38 29.51 -1.93
CA THR C 190 -2.97 29.14 -1.96
C THR C 190 -2.84 27.71 -1.44
N VAL C 191 -2.21 26.83 -2.21
CA VAL C 191 -2.31 25.38 -1.98
C VAL C 191 -0.92 24.80 -1.77
N THR C 192 -0.78 24.03 -0.69
CA THR C 192 0.40 23.22 -0.43
C THR C 192 0.02 21.76 -0.58
N THR C 193 0.80 21.00 -1.34
CA THR C 193 0.57 19.56 -1.45
C THR C 193 1.64 18.79 -0.69
N CYS C 194 1.17 17.85 0.14
CA CYS C 194 1.99 16.96 0.96
C CYS C 194 1.83 15.52 0.49
N HIS C 195 2.79 14.67 0.85
CA HIS C 195 2.83 13.29 0.40
C HIS C 195 3.75 12.53 1.36
N SER C 196 4.09 11.30 1.01
CA SER C 196 4.85 10.46 1.93
C SER C 196 6.31 10.89 2.08
N LYS C 197 6.81 11.81 1.25
CA LYS C 197 8.17 12.35 1.39
C LYS C 197 8.19 13.71 2.06
N THR C 198 7.05 14.21 2.50
CA THR C 198 6.99 15.49 3.17
C THR C 198 7.62 15.36 4.56
N ALA C 199 8.56 16.24 4.86
CA ALA C 199 9.11 16.35 6.20
C ALA C 199 8.21 17.27 7.02
N HIS C 200 8.20 17.05 8.33
CA HIS C 200 7.45 17.90 9.25
C HIS C 200 6.00 18.02 8.78
N LEU C 201 5.39 16.88 8.47
CA LEU C 201 4.00 16.87 8.03
C LEU C 201 3.09 17.59 9.01
N ASP C 202 3.39 17.50 10.32
CA ASP C 202 2.57 18.16 11.33
C ASP C 202 2.60 19.69 11.16
N GLU C 203 3.78 20.25 10.91
CA GLU C 203 3.86 21.69 10.70
C GLU C 203 3.21 22.12 9.39
N GLU C 204 3.32 21.29 8.34
CA GLU C 204 2.65 21.66 7.08
C GLU C 204 1.14 21.64 7.24
N VAL C 205 0.61 20.63 7.95
CA VAL C 205 -0.84 20.52 8.17
C VAL C 205 -1.37 21.73 8.92
N ASN C 206 -0.60 22.19 9.91
CA ASN C 206 -1.00 23.30 10.77
C ASN C 206 -1.12 24.61 10.01
N LYS C 207 -0.62 24.68 8.76
CA LYS C 207 -0.78 25.84 7.89
C LYS C 207 -2.16 25.94 7.25
N GLY C 208 -2.98 24.89 7.35
CA GLY C 208 -4.18 24.80 6.54
C GLY C 208 -5.48 25.38 7.08
N ASP C 209 -5.89 26.55 6.57
CA ASP C 209 -7.26 27.01 6.79
C ASP C 209 -8.27 26.04 6.22
N ILE C 210 -7.90 25.37 5.13
CA ILE C 210 -8.65 24.27 4.54
C ILE C 210 -7.70 23.09 4.52
N LEU C 211 -8.18 21.94 4.98
CA LEU C 211 -7.38 20.72 5.06
C LEU C 211 -8.14 19.60 4.40
N VAL C 212 -7.55 18.97 3.39
CA VAL C 212 -8.15 17.81 2.75
C VAL C 212 -7.16 16.67 2.85
N VAL C 213 -7.57 15.57 3.49
CA VAL C 213 -6.68 14.46 3.77
C VAL C 213 -7.15 13.27 2.96
N ALA C 214 -6.24 12.71 2.17
CA ALA C 214 -6.55 11.63 1.24
C ALA C 214 -5.37 10.65 1.17
N THR C 215 -4.98 10.11 2.33
CA THR C 215 -3.79 9.25 2.44
C THR C 215 -4.10 7.77 2.50
N GLY C 216 -5.28 7.38 2.96
CA GLY C 216 -5.51 5.97 3.22
C GLY C 216 -4.69 5.40 4.35
N GLN C 217 -4.37 6.20 5.37
CA GLN C 217 -3.71 5.70 6.58
C GLN C 217 -4.59 6.07 7.77
N PRO C 218 -5.16 5.10 8.50
CA PRO C 218 -6.24 5.39 9.45
C PRO C 218 -5.83 6.33 10.56
N GLU C 219 -6.54 7.47 10.64
CA GLU C 219 -6.35 8.50 11.66
C GLU C 219 -4.88 8.87 11.85
N MET C 220 -4.12 8.88 10.76
CA MET C 220 -2.71 9.26 10.86
C MET C 220 -2.56 10.75 11.13
N VAL C 221 -3.50 11.56 10.64
CA VAL C 221 -3.39 13.01 10.80
C VAL C 221 -3.96 13.38 12.16
N LYS C 222 -3.07 13.72 13.11
CA LYS C 222 -3.48 13.92 14.50
C LYS C 222 -4.25 15.24 14.66
N GLY C 223 -5.24 15.22 15.56
CA GLY C 223 -5.98 16.43 15.87
C GLY C 223 -5.11 17.58 16.32
N GLU C 224 -4.02 17.28 17.04
CA GLU C 224 -3.11 18.32 17.53
C GLU C 224 -2.47 19.10 16.39
N TRP C 225 -2.34 18.50 15.21
CA TRP C 225 -1.74 19.16 14.06
C TRP C 225 -2.66 20.21 13.43
N ILE C 226 -3.97 20.10 13.65
CA ILE C 226 -4.93 20.90 12.91
C ILE C 226 -4.79 22.36 13.30
N LYS C 227 -4.83 23.23 12.29
CA LYS C 227 -4.91 24.66 12.57
C LYS C 227 -6.21 24.96 13.27
N PRO C 228 -6.19 25.67 14.40
CA PRO C 228 -7.46 26.06 15.04
C PRO C 228 -8.35 26.83 14.08
N GLY C 229 -9.62 26.43 14.03
CA GLY C 229 -10.59 27.02 13.13
C GLY C 229 -10.58 26.52 11.71
N ALA C 230 -9.74 25.54 11.38
CA ALA C 230 -9.65 25.01 10.02
C ALA C 230 -10.94 24.30 9.61
N ILE C 231 -11.17 24.25 8.29
CA ILE C 231 -12.14 23.35 7.69
C ILE C 231 -11.42 22.05 7.37
N VAL C 232 -11.93 20.91 7.86
CA VAL C 232 -11.23 19.63 7.72
C VAL C 232 -12.09 18.67 6.90
N ILE C 233 -11.54 18.21 5.79
CA ILE C 233 -12.24 17.31 4.88
C ILE C 233 -11.49 16.00 4.86
N ASP C 234 -12.14 14.92 5.32
CA ASP C 234 -11.50 13.62 5.50
C ASP C 234 -12.02 12.67 4.41
N CYS C 235 -11.18 12.34 3.44
CA CYS C 235 -11.56 11.41 2.38
C CYS C 235 -11.28 9.95 2.73
N GLY C 236 -10.70 9.69 3.90
CA GLY C 236 -10.33 8.32 4.24
C GLY C 236 -11.53 7.40 4.37
N ILE C 237 -11.41 6.20 3.79
CA ILE C 237 -12.29 5.07 4.08
C ILE C 237 -11.39 3.88 4.39
N ASN C 238 -11.09 3.66 5.67
CA ASN C 238 -10.17 2.60 6.08
C ASN C 238 -10.94 1.56 6.89
N TYR C 239 -10.84 0.30 6.47
CA TYR C 239 -11.53 -0.81 7.12
C TYR C 239 -10.52 -1.46 8.07
N VAL C 240 -10.64 -1.18 9.35
CA VAL C 240 -9.66 -1.65 10.30
C VAL C 240 -10.27 -2.87 10.99
N PRO C 241 -9.49 -3.93 11.25
CA PRO C 241 -10.05 -5.09 11.94
C PRO C 241 -10.66 -4.68 13.27
N ASP C 242 -11.80 -5.29 13.58
CA ASP C 242 -12.55 -4.93 14.79
C ASP C 242 -13.34 -6.18 15.18
N ASP C 243 -12.84 -6.91 16.17
CA ASP C 243 -13.47 -8.17 16.56
C ASP C 243 -14.66 -7.91 17.47
N ARG C 249 -15.16 -5.62 11.01
CA ARG C 249 -14.35 -4.44 10.74
C ARG C 249 -15.14 -3.16 11.02
N LYS C 250 -14.42 -2.03 11.05
CA LYS C 250 -15.04 -0.73 11.24
C LYS C 250 -14.38 0.25 10.28
N VAL C 251 -15.11 1.33 9.96
CA VAL C 251 -14.66 2.32 8.99
C VAL C 251 -14.14 3.56 9.72
N VAL C 252 -12.86 3.90 9.50
CA VAL C 252 -12.30 5.11 10.11
C VAL C 252 -11.67 5.96 9.01
N GLY C 253 -11.59 7.27 9.27
CA GLY C 253 -11.02 8.22 8.32
C GLY C 253 -9.51 8.33 8.43
N ASP C 254 -8.95 9.27 7.65
CA ASP C 254 -7.51 9.53 7.72
C ASP C 254 -7.17 10.57 8.79
N VAL C 255 -8.17 11.16 9.43
CA VAL C 255 -7.99 12.20 10.44
C VAL C 255 -8.47 11.64 11.77
N ALA C 256 -7.69 11.88 12.83
CA ALA C 256 -8.09 11.50 14.19
C ALA C 256 -9.24 12.41 14.62
N TYR C 257 -10.46 11.94 14.38
CA TYR C 257 -11.65 12.79 14.44
C TYR C 257 -11.91 13.35 15.84
N ASP C 258 -11.74 12.51 16.87
CA ASP C 258 -12.08 12.93 18.23
C ASP C 258 -11.26 14.13 18.67
N GLU C 259 -9.96 14.17 18.34
CA GLU C 259 -9.17 15.34 18.69
C GLU C 259 -9.33 16.46 17.65
N ALA C 260 -9.42 16.12 16.36
CA ALA C 260 -9.50 17.16 15.33
C ALA C 260 -10.77 17.98 15.45
N LYS C 261 -11.88 17.35 15.84
CA LYS C 261 -13.12 18.09 16.01
C LYS C 261 -13.04 19.14 17.12
N GLU C 262 -12.01 19.10 17.99
CA GLU C 262 -11.88 20.16 18.97
C GLU C 262 -11.02 21.32 18.50
N ARG C 263 -10.31 21.18 17.37
CA ARG C 263 -9.53 22.24 16.77
C ARG C 263 -10.20 22.89 15.56
N ALA C 264 -10.85 22.08 14.71
CA ALA C 264 -11.47 22.55 13.48
C ALA C 264 -12.74 23.36 13.75
N SER C 265 -13.07 24.25 12.80
CA SER C 265 -14.37 24.92 12.81
C SER C 265 -15.44 24.12 12.08
N PHE C 266 -15.05 23.33 11.08
CA PHE C 266 -15.95 22.45 10.35
C PHE C 266 -15.19 21.16 10.08
N ILE C 267 -15.92 20.04 10.02
CA ILE C 267 -15.27 18.75 9.83
C ILE C 267 -16.27 17.75 9.26
N THR C 268 -15.76 16.86 8.39
CA THR C 268 -16.53 15.77 7.81
C THR C 268 -16.37 14.51 8.68
N PRO C 269 -17.47 13.88 9.07
CA PRO C 269 -17.35 12.59 9.76
C PRO C 269 -17.04 11.48 8.75
N VAL C 270 -16.56 10.35 9.29
CA VAL C 270 -16.36 9.15 8.50
C VAL C 270 -16.96 8.01 9.31
N PRO C 271 -17.93 7.23 8.76
CA PRO C 271 -18.57 7.39 7.44
C PRO C 271 -19.54 8.57 7.36
N GLY C 272 -20.23 8.72 6.24
CA GLY C 272 -21.26 9.74 6.09
C GLY C 272 -20.76 11.13 5.79
N GLY C 273 -19.55 11.25 5.27
CA GLY C 273 -19.02 12.56 4.89
C GLY C 273 -18.75 12.65 3.40
N VAL C 274 -17.48 12.48 3.03
CA VAL C 274 -17.09 12.57 1.62
C VAL C 274 -17.71 11.44 0.81
N GLY C 275 -17.77 10.23 1.37
CA GLY C 275 -18.24 9.06 0.66
C GLY C 275 -19.53 9.23 -0.13
N PRO C 276 -20.62 9.61 0.54
CA PRO C 276 -21.87 9.88 -0.18
C PRO C 276 -21.79 11.02 -1.20
N MET C 277 -20.98 12.04 -0.93
CA MET C 277 -20.80 13.12 -1.90
C MET C 277 -20.14 12.60 -3.17
N THR C 278 -19.16 11.70 -3.02
CA THR C 278 -18.51 11.09 -4.18
C THR C 278 -19.53 10.47 -5.12
N VAL C 279 -20.46 9.70 -4.56
CA VAL C 279 -21.47 9.05 -5.37
C VAL C 279 -22.41 10.08 -6.00
N ALA C 280 -22.84 11.09 -5.23
CA ALA C 280 -23.79 12.03 -5.80
C ALA C 280 -23.17 12.87 -6.91
N MET C 281 -21.87 13.15 -6.79
CA MET C 281 -21.19 13.92 -7.82
C MET C 281 -21.02 13.14 -9.10
N LEU C 282 -20.83 11.82 -8.99
CA LEU C 282 -20.82 10.97 -10.17
C LEU C 282 -22.16 11.01 -10.89
N MET C 283 -23.25 10.94 -10.13
CA MET C 283 -24.58 11.04 -10.73
C MET C 283 -24.77 12.40 -11.40
N GLN C 284 -24.31 13.47 -10.75
CA GLN C 284 -24.39 14.80 -11.34
C GLN C 284 -23.65 14.87 -12.67
N SER C 285 -22.43 14.35 -12.72
CA SER C 285 -21.67 14.35 -13.98
C SER C 285 -22.33 13.47 -15.02
N THR C 286 -22.88 12.33 -14.62
CA THR C 286 -23.61 11.48 -15.55
C THR C 286 -24.78 12.23 -16.18
N VAL C 287 -25.56 12.91 -15.35
CA VAL C 287 -26.69 13.68 -15.87
C VAL C 287 -26.18 14.75 -16.81
N GLU C 288 -25.09 15.43 -16.46
CA GLU C 288 -24.58 16.47 -17.33
C GLU C 288 -24.17 15.91 -18.68
N SER C 289 -23.51 14.74 -18.72
CA SER C 289 -23.10 14.21 -20.02
C SER C 289 -24.30 13.79 -20.87
N ALA C 290 -25.35 13.26 -20.24
CA ALA C 290 -26.59 12.95 -20.98
C ALA C 290 -27.21 14.23 -21.55
N LYS C 291 -27.25 15.30 -20.76
CA LYS C 291 -27.74 16.59 -21.24
C LYS C 291 -26.86 17.13 -22.35
N ARG C 292 -25.55 16.99 -22.23
CA ARG C 292 -24.67 17.45 -23.31
C ARG C 292 -24.91 16.64 -24.58
N PHE C 293 -25.21 15.35 -24.43
CA PHE C 293 -25.44 14.52 -25.60
C PHE C 293 -26.71 14.94 -26.33
N LEU C 294 -27.77 15.31 -25.60
CA LEU C 294 -28.99 15.79 -26.24
C LEU C 294 -28.72 17.01 -27.11
N GLU C 295 -27.93 17.96 -26.60
CA GLU C 295 -27.57 19.16 -27.34
C GLU C 295 -26.92 18.83 -28.70
N PRO D 2 26.42 36.09 0.35
CA PRO D 2 26.60 36.31 -1.08
C PRO D 2 26.28 35.05 -1.89
N ALA D 3 25.12 35.07 -2.57
CA ALA D 3 24.63 33.87 -3.23
C ALA D 3 25.57 33.42 -4.34
N GLU D 4 25.69 32.11 -4.51
CA GLU D 4 26.33 31.58 -5.70
C GLU D 4 25.44 31.84 -6.91
N ILE D 5 26.07 31.88 -8.09
CA ILE D 5 25.43 32.31 -9.31
C ILE D 5 25.14 31.10 -10.18
N LEU D 6 23.88 30.93 -10.57
CA LEU D 6 23.47 29.85 -11.46
C LEU D 6 23.46 30.41 -12.88
N ASN D 7 24.48 30.07 -13.66
CA ASN D 7 24.75 30.75 -14.93
C ASN D 7 24.10 29.97 -16.06
N GLY D 8 22.91 30.42 -16.47
CA GLY D 8 22.19 29.73 -17.52
C GLY D 8 22.91 29.74 -18.85
N LYS D 9 23.58 30.87 -19.17
CA LYS D 9 24.39 30.94 -20.38
C LYS D 9 25.40 29.81 -20.44
N GLU D 10 26.16 29.65 -19.34
CA GLU D 10 27.20 28.61 -19.28
C GLU D 10 26.60 27.22 -19.31
N ILE D 11 25.61 26.97 -18.46
CA ILE D 11 25.03 25.63 -18.35
C ILE D 11 24.36 25.24 -19.67
N SER D 12 23.58 26.17 -20.25
CA SER D 12 22.89 25.84 -21.50
C SER D 12 23.87 25.55 -22.62
N ALA D 13 25.02 26.22 -22.62
CA ALA D 13 26.05 25.94 -23.63
C ALA D 13 26.52 24.50 -23.53
N GLN D 14 26.68 23.98 -22.30
CA GLN D 14 27.09 22.59 -22.13
C GLN D 14 26.04 21.64 -22.66
N ILE D 15 24.76 21.94 -22.39
CA ILE D 15 23.67 21.12 -22.92
C ILE D 15 23.68 21.14 -24.44
N ARG D 16 23.81 22.33 -25.03
CA ARG D 16 23.83 22.43 -26.49
C ARG D 16 25.03 21.70 -27.08
N ALA D 17 26.19 21.76 -26.40
CA ALA D 17 27.35 21.01 -26.89
C ALA D 17 27.09 19.51 -26.87
N ARG D 18 26.51 18.99 -25.79
CA ARG D 18 26.16 17.55 -25.73
C ARG D 18 25.16 17.20 -26.84
N LEU D 19 24.13 18.02 -27.02
CA LEU D 19 23.14 17.67 -28.04
C LEU D 19 23.77 17.64 -29.43
N LYS D 20 24.72 18.54 -29.69
CA LYS D 20 25.38 18.56 -31.00
C LYS D 20 26.10 17.25 -31.28
N ASN D 21 26.86 16.75 -30.31
CA ASN D 21 27.52 15.46 -30.48
C ASN D 21 26.50 14.35 -30.69
N GLN D 22 25.39 14.39 -29.95
CA GLN D 22 24.34 13.39 -30.11
C GLN D 22 23.78 13.39 -31.53
N VAL D 23 23.52 14.58 -32.08
CA VAL D 23 23.01 14.67 -33.44
C VAL D 23 24.08 14.22 -34.43
N THR D 24 25.34 14.55 -34.18
CA THR D 24 26.41 14.12 -35.06
C THR D 24 26.52 12.61 -35.09
N GLN D 25 26.55 11.97 -33.90
CA GLN D 25 26.59 10.52 -33.83
C GLN D 25 25.35 9.89 -34.49
N LEU D 26 24.19 10.51 -34.27
CA LEU D 26 22.97 10.02 -34.90
C LEU D 26 23.03 10.15 -36.42
N LYS D 27 23.75 11.15 -36.94
CA LYS D 27 23.92 11.27 -38.39
C LYS D 27 24.74 10.12 -38.95
N GLU D 28 25.81 9.73 -38.24
CA GLU D 28 26.64 8.60 -38.68
C GLU D 28 25.90 7.28 -38.55
N GLN D 29 25.16 7.08 -37.45
CA GLN D 29 24.41 5.84 -37.27
C GLN D 29 23.36 5.64 -38.35
N VAL D 30 22.65 6.73 -38.67
CA VAL D 30 21.66 6.72 -39.78
C VAL D 30 22.02 7.85 -40.73
N PRO D 31 22.90 7.62 -41.72
CA PRO D 31 23.33 8.69 -42.64
C PRO D 31 22.14 9.43 -43.23
N GLY D 32 22.29 10.75 -43.41
CA GLY D 32 21.21 11.55 -44.00
C GLY D 32 19.98 11.60 -43.12
N PHE D 33 20.16 11.58 -41.80
CA PHE D 33 18.98 11.75 -40.92
C PHE D 33 19.27 12.87 -39.93
N THR D 34 18.34 13.82 -39.83
CA THR D 34 18.49 14.93 -38.91
C THR D 34 17.20 15.11 -38.13
N PRO D 35 17.29 15.47 -36.85
CA PRO D 35 16.09 15.92 -36.13
C PRO D 35 15.55 17.18 -36.76
N ARG D 36 14.21 17.22 -36.85
CA ARG D 36 13.55 18.35 -37.53
C ARG D 36 12.45 18.96 -36.65
N LEU D 37 12.54 20.25 -36.42
CA LEU D 37 11.62 21.07 -35.65
C LEU D 37 10.88 22.03 -36.57
N ALA D 38 9.62 22.29 -36.25
CA ALA D 38 8.88 23.35 -36.93
C ALA D 38 8.27 24.27 -35.88
N ILE D 39 8.27 25.58 -36.14
CA ILE D 39 7.67 26.56 -35.25
C ILE D 39 6.62 27.31 -36.04
N LEU D 40 5.37 27.25 -35.59
CA LEU D 40 4.28 27.99 -36.20
C LEU D 40 4.00 29.25 -35.40
N GLN D 41 3.76 30.35 -36.12
CA GLN D 41 3.49 31.63 -35.49
C GLN D 41 2.28 32.27 -36.15
N VAL D 42 1.43 32.90 -35.34
CA VAL D 42 0.29 33.66 -35.83
C VAL D 42 0.51 35.13 -35.46
N GLY D 43 0.42 36.01 -36.45
CA GLY D 43 0.68 37.41 -36.23
C GLY D 43 2.16 37.76 -36.27
N ASN D 44 2.48 38.92 -35.71
CA ASN D 44 3.81 39.51 -35.88
C ASN D 44 4.26 40.22 -34.61
N ARG D 45 4.02 39.63 -33.44
CA ARG D 45 4.50 40.23 -32.20
C ARG D 45 6.03 40.31 -32.21
N ASP D 46 6.55 41.45 -31.74
CA ASP D 46 8.00 41.62 -31.65
C ASP D 46 8.64 40.62 -30.70
N ASP D 47 8.04 40.41 -29.53
CA ASP D 47 8.65 39.50 -28.57
C ASP D 47 8.72 38.08 -29.14
N SER D 48 7.65 37.62 -29.78
CA SER D 48 7.67 36.30 -30.40
C SER D 48 8.73 36.21 -31.48
N ASN D 49 8.87 37.25 -32.31
CA ASN D 49 9.93 37.25 -33.32
C ASN D 49 11.29 37.02 -32.68
N LEU D 50 11.59 37.76 -31.62
CA LEU D 50 12.89 37.64 -30.97
C LEU D 50 13.11 36.24 -30.40
N TYR D 51 12.10 35.71 -29.68
CA TYR D 51 12.27 34.39 -29.07
C TYR D 51 12.36 33.31 -30.13
N ILE D 52 11.52 33.39 -31.17
CA ILE D 52 11.60 32.40 -32.24
C ILE D 52 12.97 32.43 -32.88
N ASN D 53 13.54 33.63 -33.05
CA ASN D 53 14.85 33.73 -33.68
C ASN D 53 15.92 33.09 -32.83
N VAL D 54 15.86 33.31 -31.51
CA VAL D 54 16.78 32.65 -30.59
C VAL D 54 16.66 31.14 -30.72
N LYS D 55 15.43 30.63 -30.84
CA LYS D 55 15.27 29.19 -30.95
C LYS D 55 15.87 28.65 -32.25
N LEU D 56 15.64 29.34 -33.38
CA LEU D 56 16.21 28.90 -34.64
C LEU D 56 17.74 28.90 -34.59
N LYS D 57 18.33 29.92 -33.96
CA LYS D 57 19.78 29.96 -33.85
C LYS D 57 20.32 28.81 -33.00
N ALA D 58 19.62 28.44 -31.93
CA ALA D 58 20.05 27.27 -31.18
C ALA D 58 20.00 26.03 -32.06
N ALA D 59 18.91 25.86 -32.80
CA ALA D 59 18.77 24.65 -33.60
C ALA D 59 19.89 24.54 -34.63
N GLU D 60 20.27 25.67 -35.24
CA GLU D 60 21.34 25.64 -36.24
C GLU D 60 22.67 25.23 -35.61
N GLU D 61 23.01 25.83 -34.48
CA GLU D 61 24.27 25.48 -33.83
C GLU D 61 24.33 23.99 -33.46
N ILE D 62 23.19 23.39 -33.13
CA ILE D 62 23.19 21.98 -32.72
C ILE D 62 23.17 21.04 -33.91
N GLY D 63 22.55 21.46 -35.02
CA GLY D 63 22.38 20.60 -36.17
C GLY D 63 20.96 20.12 -36.38
N ILE D 64 20.02 20.61 -35.59
CA ILE D 64 18.60 20.39 -35.83
C ILE D 64 18.14 21.33 -36.94
N LYS D 65 17.36 20.81 -37.87
CA LYS D 65 16.80 21.61 -38.95
C LYS D 65 15.46 22.16 -38.48
N ALA D 66 15.38 23.47 -38.30
CA ALA D 66 14.17 24.13 -37.82
C ALA D 66 13.56 25.01 -38.92
N THR D 67 12.28 24.80 -39.20
CA THR D 67 11.50 25.60 -40.14
C THR D 67 10.49 26.46 -39.40
N HIS D 68 10.39 27.72 -39.81
CA HIS D 68 9.51 28.71 -39.19
C HIS D 68 8.45 29.14 -40.19
N ILE D 69 7.17 28.91 -39.85
CA ILE D 69 6.04 29.32 -40.66
C ILE D 69 5.33 30.43 -39.91
N LYS D 70 5.30 31.63 -40.50
CA LYS D 70 4.66 32.78 -39.88
C LYS D 70 3.41 33.14 -40.66
N LEU D 71 2.23 33.00 -40.01
CA LEU D 71 0.94 33.28 -40.60
C LEU D 71 0.49 34.70 -40.21
N PRO D 72 -0.28 35.38 -41.05
CA PRO D 72 -0.61 36.79 -40.76
C PRO D 72 -1.64 36.93 -39.65
N ARG D 73 -1.78 38.18 -39.16
CA ARG D 73 -2.76 38.51 -38.13
C ARG D 73 -4.19 38.19 -38.56
N THR D 74 -4.46 38.23 -39.86
CA THR D 74 -5.81 37.94 -40.33
C THR D 74 -6.05 36.46 -40.57
N THR D 75 -5.16 35.58 -40.08
CA THR D 75 -5.38 34.14 -40.24
C THR D 75 -6.64 33.73 -39.47
N THR D 76 -7.37 32.78 -40.03
CA THR D 76 -8.51 32.25 -39.30
C THR D 76 -8.12 30.97 -38.56
N GLU D 77 -8.97 30.55 -37.62
CA GLU D 77 -8.75 29.29 -36.87
C GLU D 77 -8.63 28.11 -37.82
N SER D 78 -9.48 28.07 -38.85
CA SER D 78 -9.48 26.94 -39.82
C SER D 78 -8.15 26.86 -40.56
N GLU D 79 -7.59 28.00 -40.90
CA GLU D 79 -6.30 28.03 -41.63
C GLU D 79 -5.21 27.46 -40.73
N VAL D 80 -5.11 27.94 -39.48
CA VAL D 80 -4.11 27.42 -38.55
C VAL D 80 -4.27 25.92 -38.40
N MET D 81 -5.52 25.45 -38.30
CA MET D 81 -5.77 24.02 -38.17
C MET D 81 -5.23 23.24 -39.36
N LYS D 82 -5.30 23.81 -40.56
CA LYS D 82 -4.75 23.12 -41.74
C LYS D 82 -3.23 22.99 -41.62
N TYR D 83 -2.57 24.00 -41.08
CA TYR D 83 -1.12 23.90 -40.90
C TYR D 83 -0.75 22.91 -39.80
N ILE D 84 -1.57 22.81 -38.75
CA ILE D 84 -1.28 21.86 -37.69
C ILE D 84 -1.49 20.44 -38.18
N THR D 85 -2.59 20.21 -38.91
CA THR D 85 -2.80 18.90 -39.51
C THR D 85 -1.65 18.51 -40.42
N SER D 86 -1.16 19.46 -41.20
CA SER D 86 -0.05 19.18 -42.11
C SER D 86 1.23 18.88 -41.36
N LEU D 87 1.52 19.63 -40.29
CA LEU D 87 2.67 19.32 -39.46
C LEU D 87 2.51 17.98 -38.74
N ASN D 88 1.28 17.61 -38.35
CA ASN D 88 1.04 16.29 -37.74
C ASN D 88 1.37 15.16 -38.70
N GLU D 89 0.95 15.30 -39.97
CA GLU D 89 1.08 14.23 -40.95
C GLU D 89 2.43 14.21 -41.64
N ASP D 90 3.24 15.24 -41.48
CA ASP D 90 4.56 15.30 -42.10
C ASP D 90 5.51 14.42 -41.31
N SER D 91 5.76 13.20 -41.81
CA SER D 91 6.67 12.29 -41.12
C SER D 91 8.09 12.82 -41.11
N THR D 92 8.36 13.92 -41.81
CA THR D 92 9.72 14.55 -41.79
C THR D 92 9.85 15.43 -40.55
N VAL D 93 8.73 15.81 -39.94
CA VAL D 93 8.77 16.70 -38.79
C VAL D 93 8.64 15.86 -37.52
N HIS D 94 9.65 15.94 -36.64
CA HIS D 94 9.66 15.19 -35.40
C HIS D 94 9.06 15.94 -34.22
N GLY D 95 9.06 17.27 -34.27
CA GLY D 95 8.53 18.03 -33.17
C GLY D 95 8.13 19.41 -33.64
N PHE D 96 6.99 19.90 -33.18
CA PHE D 96 6.63 21.25 -33.57
C PHE D 96 5.83 21.93 -32.47
N LEU D 97 5.85 23.25 -32.51
CA LEU D 97 5.19 24.04 -31.49
C LEU D 97 4.50 25.21 -32.15
N VAL D 98 3.57 25.79 -31.41
CA VAL D 98 2.94 27.05 -31.77
C VAL D 98 3.40 28.05 -30.72
N GLN D 99 4.15 29.07 -31.18
CA GLN D 99 4.57 30.13 -30.26
C GLN D 99 3.34 30.86 -29.74
N LEU D 100 3.32 31.12 -28.43
CA LEU D 100 2.18 31.73 -27.79
C LEU D 100 2.57 33.11 -27.25
N PRO D 101 1.60 34.03 -27.11
CA PRO D 101 0.19 33.94 -27.51
C PRO D 101 0.02 34.13 -29.01
N LEU D 102 -1.07 33.62 -29.58
CA LEU D 102 -1.42 33.95 -30.94
C LEU D 102 -1.76 35.43 -31.04
N ASP D 103 -1.36 36.06 -32.14
CA ASP D 103 -1.71 37.45 -32.40
C ASP D 103 -2.61 37.45 -33.64
N SER D 104 -3.92 37.31 -33.43
CA SER D 104 -4.86 37.31 -34.54
C SER D 104 -5.92 38.38 -34.33
N GLU D 105 -6.28 39.05 -35.42
CA GLU D 105 -7.41 39.97 -35.40
C GLU D 105 -8.73 39.20 -35.29
N ASN D 106 -8.75 37.95 -35.72
CA ASN D 106 -9.93 37.12 -35.57
C ASN D 106 -9.96 36.46 -34.19
N SER D 107 -11.11 35.90 -33.84
CA SER D 107 -11.23 35.12 -32.61
C SER D 107 -10.77 33.71 -32.91
N ILE D 108 -9.64 33.32 -32.33
CA ILE D 108 -9.07 31.99 -32.53
C ILE D 108 -8.97 31.32 -31.17
N ASN D 109 -9.55 30.13 -31.04
CA ASN D 109 -9.55 29.39 -29.78
C ASN D 109 -8.19 28.73 -29.60
N THR D 110 -7.33 29.34 -28.77
CA THR D 110 -5.97 28.83 -28.60
C THR D 110 -5.98 27.39 -28.08
N GLU D 111 -6.87 27.08 -27.14
CA GLU D 111 -6.90 25.72 -26.60
C GLU D 111 -7.19 24.70 -27.70
N GLU D 112 -8.16 25.00 -28.57
CA GLU D 112 -8.44 24.10 -29.69
C GLU D 112 -7.23 23.96 -30.59
N VAL D 113 -6.52 25.06 -30.86
CA VAL D 113 -5.35 25.00 -31.73
C VAL D 113 -4.26 24.14 -31.11
N ILE D 114 -3.93 24.41 -29.85
CA ILE D 114 -2.87 23.68 -29.17
C ILE D 114 -3.20 22.19 -29.07
N ASN D 115 -4.46 21.87 -28.75
CA ASN D 115 -4.81 20.48 -28.56
C ASN D 115 -5.05 19.73 -29.87
N ALA D 116 -4.84 20.37 -31.01
CA ALA D 116 -4.79 19.63 -32.28
C ALA D 116 -3.40 19.09 -32.58
N ILE D 117 -2.38 19.52 -31.84
CA ILE D 117 -1.03 19.01 -32.05
C ILE D 117 -0.94 17.57 -31.56
N ALA D 118 -0.28 16.72 -32.34
CA ALA D 118 -0.09 15.31 -31.95
C ALA D 118 0.83 15.23 -30.74
N PRO D 119 0.41 14.60 -29.64
CA PRO D 119 1.23 14.64 -28.41
C PRO D 119 2.63 14.09 -28.60
N GLU D 120 2.83 13.14 -29.52
CA GLU D 120 4.17 12.65 -29.81
C GLU D 120 5.06 13.68 -30.50
N LYS D 121 4.50 14.77 -31.00
CA LYS D 121 5.27 15.86 -31.58
C LYS D 121 5.24 17.12 -30.72
N ASP D 122 4.55 17.07 -29.57
CA ASP D 122 4.30 18.22 -28.72
C ASP D 122 5.50 18.56 -27.83
N VAL D 123 6.61 18.92 -28.47
CA VAL D 123 7.87 19.14 -27.76
C VAL D 123 7.83 20.32 -26.81
N ASP D 124 6.76 21.12 -26.81
CA ASP D 124 6.62 22.21 -25.80
C ASP D 124 5.71 21.76 -24.66
N GLY D 125 5.14 20.56 -24.76
CA GLY D 125 4.27 20.01 -23.70
C GLY D 125 3.09 20.89 -23.37
N LEU D 126 2.41 21.40 -24.39
CA LEU D 126 1.27 22.32 -24.16
C LEU D 126 -0.07 21.61 -24.41
N THR D 127 -0.08 20.42 -25.01
CA THR D 127 -1.36 19.73 -25.12
C THR D 127 -1.90 19.33 -23.75
N SER D 128 -3.22 19.29 -23.64
CA SER D 128 -3.90 18.78 -22.45
C SER D 128 -3.45 17.36 -22.09
N ILE D 129 -3.17 16.54 -23.11
CA ILE D 129 -2.70 15.18 -22.89
C ILE D 129 -1.38 15.17 -22.13
N ASN D 130 -0.39 15.92 -22.63
CA ASN D 130 0.92 15.94 -21.97
C ASN D 130 0.84 16.62 -20.62
N ALA D 131 0.04 17.69 -20.51
CA ALA D 131 -0.15 18.35 -19.23
C ALA D 131 -0.78 17.39 -18.21
N GLY D 132 -1.74 16.57 -18.62
CA GLY D 132 -2.39 15.66 -17.70
C GLY D 132 -1.51 14.52 -17.26
N ARG D 133 -0.65 14.04 -18.17
CA ARG D 133 0.37 13.07 -17.78
C ARG D 133 1.30 13.64 -16.72
N LEU D 134 1.78 14.87 -16.94
CA LEU D 134 2.68 15.50 -15.96
C LEU D 134 1.95 15.80 -14.65
N ALA D 135 0.74 16.33 -14.72
CA ALA D 135 0.03 16.72 -13.51
C ALA D 135 -0.40 15.52 -12.66
N ARG D 136 -0.31 14.30 -13.18
CA ARG D 136 -0.69 13.11 -12.45
C ARG D 136 0.48 12.19 -12.20
N GLY D 137 1.70 12.62 -12.52
CA GLY D 137 2.91 11.88 -12.20
C GLY D 137 3.36 10.86 -13.20
N ASP D 138 2.74 10.79 -14.38
CA ASP D 138 3.18 9.86 -15.43
C ASP D 138 4.19 10.58 -16.33
N LEU D 139 5.41 10.72 -15.78
CA LEU D 139 6.43 11.59 -16.36
C LEU D 139 7.28 10.90 -17.42
N ASN D 140 7.04 9.63 -17.71
CA ASN D 140 7.91 8.89 -18.63
C ASN D 140 7.38 8.82 -20.06
N ASP D 141 6.14 9.22 -20.31
CA ASP D 141 5.67 9.27 -21.71
C ASP D 141 5.15 10.68 -21.99
N CYS D 142 5.80 11.68 -21.42
CA CYS D 142 5.25 13.04 -21.52
C CYS D 142 6.33 14.06 -21.89
N PHE D 143 5.96 15.04 -22.71
CA PHE D 143 6.88 16.16 -22.98
C PHE D 143 6.59 17.22 -21.92
N ILE D 144 7.59 17.57 -21.13
CA ILE D 144 7.42 18.54 -20.05
C ILE D 144 7.74 19.92 -20.62
N PRO D 145 6.99 20.97 -20.27
CA PRO D 145 7.26 22.30 -20.85
C PRO D 145 8.68 22.76 -20.58
N CYS D 146 9.22 23.52 -21.54
CA CYS D 146 10.67 23.74 -21.62
C CYS D 146 11.19 24.63 -20.51
N THR D 147 10.46 25.68 -20.14
CA THR D 147 10.95 26.50 -19.02
C THR D 147 10.97 25.71 -17.71
N PRO D 148 9.91 24.99 -17.31
CA PRO D 148 10.04 24.14 -16.11
C PRO D 148 11.18 23.14 -16.19
N LYS D 149 11.39 22.49 -17.35
CA LYS D 149 12.53 21.60 -17.51
C LYS D 149 13.84 22.31 -17.24
N GLY D 150 13.99 23.53 -17.77
CA GLY D 150 15.23 24.27 -17.55
C GLY D 150 15.39 24.67 -16.10
N CYS D 151 14.31 25.11 -15.47
CA CYS D 151 14.36 25.44 -14.04
C CYS D 151 14.81 24.25 -13.21
N LEU D 152 14.24 23.06 -13.49
CA LEU D 152 14.64 21.88 -12.74
C LEU D 152 16.12 21.59 -12.92
N GLU D 153 16.60 21.71 -14.17
CA GLU D 153 18.01 21.47 -14.44
C GLU D 153 18.89 22.46 -13.67
N LEU D 154 18.41 23.69 -13.51
CA LEU D 154 19.13 24.67 -12.71
C LEU D 154 19.14 24.30 -11.23
N ILE D 155 17.99 23.88 -10.69
CA ILE D 155 17.96 23.48 -9.27
C ILE D 155 18.89 22.30 -9.05
N LYS D 156 18.88 21.32 -9.96
CA LYS D 156 19.77 20.17 -9.80
C LYS D 156 21.24 20.57 -9.88
N GLU D 157 21.55 21.67 -10.58
CA GLU D 157 22.93 22.10 -10.69
C GLU D 157 23.50 22.50 -9.33
N THR D 158 22.65 22.93 -8.40
CA THR D 158 23.13 23.27 -7.05
C THR D 158 23.71 22.06 -6.33
N GLY D 159 23.27 20.85 -6.69
CA GLY D 159 23.64 19.66 -5.96
C GLY D 159 22.86 19.43 -4.69
N VAL D 160 21.92 20.31 -4.36
CA VAL D 160 21.04 20.13 -3.21
C VAL D 160 19.89 19.23 -3.63
N PRO D 161 19.66 18.10 -2.95
CA PRO D 161 18.54 17.23 -3.33
C PRO D 161 17.21 17.92 -3.11
N ILE D 162 16.26 17.62 -3.99
CA ILE D 162 14.96 18.27 -3.96
C ILE D 162 14.03 17.59 -2.97
N ALA D 163 14.10 16.26 -2.86
CA ALA D 163 13.13 15.51 -2.07
C ALA D 163 13.07 16.03 -0.64
N GLY D 164 11.85 16.28 -0.16
CA GLY D 164 11.64 16.72 1.20
C GLY D 164 11.81 18.20 1.43
N ARG D 165 12.40 18.94 0.48
CA ARG D 165 12.46 20.39 0.60
C ARG D 165 11.10 20.99 0.33
N HIS D 166 10.86 22.16 0.90
CA HIS D 166 9.65 22.91 0.62
C HIS D 166 9.93 23.87 -0.51
N ALA D 167 9.18 23.73 -1.60
CA ALA D 167 9.31 24.63 -2.74
C ALA D 167 8.10 25.52 -2.81
N VAL D 168 8.32 26.78 -3.19
CA VAL D 168 7.25 27.74 -3.41
C VAL D 168 7.28 28.16 -4.87
N VAL D 169 6.14 28.02 -5.55
CA VAL D 169 5.98 28.49 -6.93
C VAL D 169 5.05 29.69 -6.90
N VAL D 170 5.52 30.82 -7.43
CA VAL D 170 4.72 32.04 -7.55
C VAL D 170 4.34 32.19 -9.02
N GLY D 171 3.06 32.03 -9.33
CA GLY D 171 2.54 31.95 -10.67
C GLY D 171 2.07 30.55 -11.02
N ARG D 172 0.97 30.48 -11.79
CA ARG D 172 0.29 29.24 -12.13
C ARG D 172 -0.06 29.20 -13.61
N SER D 173 0.71 29.90 -14.44
CA SER D 173 0.41 29.98 -15.85
C SER D 173 0.64 28.64 -16.53
N LYS D 174 0.02 28.47 -17.71
CA LYS D 174 0.03 27.18 -18.40
C LYS D 174 1.43 26.76 -18.84
N ILE D 175 2.30 27.73 -19.10
CA ILE D 175 3.56 27.44 -19.77
C ILE D 175 4.68 27.32 -18.74
N VAL D 176 4.51 28.00 -17.61
CA VAL D 176 5.58 28.04 -16.63
C VAL D 176 5.11 27.57 -15.25
N GLY D 177 4.24 28.35 -14.60
CA GLY D 177 3.97 28.12 -13.19
C GLY D 177 3.28 26.78 -12.92
N ALA D 178 2.16 26.53 -13.57
CA ALA D 178 1.41 25.31 -13.26
C ALA D 178 2.22 24.06 -13.51
N PRO D 179 2.94 23.90 -14.65
CA PRO D 179 3.79 22.72 -14.79
C PRO D 179 5.03 22.74 -13.90
N MET D 180 5.49 23.91 -13.45
CA MET D 180 6.59 23.94 -12.49
C MET D 180 6.18 23.30 -11.15
N HIS D 181 4.97 23.58 -10.68
CA HIS D 181 4.45 22.91 -9.49
C HIS D 181 4.49 21.39 -9.66
N ASP D 182 3.94 20.90 -10.78
CA ASP D 182 3.90 19.46 -11.01
C ASP D 182 5.29 18.86 -11.00
N LEU D 183 6.23 19.53 -11.67
CA LEU D 183 7.56 18.96 -11.81
C LEU D 183 8.26 18.83 -10.46
N LEU D 184 8.11 19.83 -9.60
CA LEU D 184 8.72 19.76 -8.28
C LEU D 184 8.02 18.74 -7.39
N LEU D 185 6.69 18.63 -7.51
CA LEU D 185 5.93 17.66 -6.73
C LEU D 185 6.43 16.24 -6.99
N TRP D 186 6.59 15.89 -8.27
CA TRP D 186 6.98 14.52 -8.59
C TRP D 186 8.48 14.30 -8.50
N ASN D 187 9.25 15.33 -8.17
CA ASN D 187 10.59 15.17 -7.61
C ASN D 187 10.57 15.17 -6.07
N ASN D 188 9.37 15.09 -5.48
CA ASN D 188 9.14 14.83 -4.06
C ASN D 188 9.45 16.04 -3.17
N ALA D 189 9.45 17.24 -3.74
CA ALA D 189 9.33 18.42 -2.91
C ALA D 189 7.89 18.56 -2.41
N THR D 190 7.75 19.25 -1.29
CA THR D 190 6.46 19.70 -0.80
C THR D 190 6.24 21.09 -1.39
N VAL D 191 5.12 21.29 -2.08
CA VAL D 191 5.01 22.42 -3.00
C VAL D 191 3.81 23.29 -2.66
N THR D 192 4.06 24.58 -2.49
CA THR D 192 3.05 25.60 -2.31
C THR D 192 2.97 26.43 -3.59
N THR D 193 1.76 26.60 -4.13
CA THR D 193 1.59 27.45 -5.30
C THR D 193 0.88 28.74 -4.90
N CYS D 194 1.49 29.87 -5.26
CA CYS D 194 0.95 31.20 -5.03
C CYS D 194 0.58 31.85 -6.36
N HIS D 195 -0.29 32.84 -6.28
CA HIS D 195 -0.81 33.54 -7.44
C HIS D 195 -1.30 34.91 -7.00
N SER D 196 -2.05 35.59 -7.87
CA SER D 196 -2.42 36.98 -7.60
C SER D 196 -3.45 37.11 -6.49
N LYS D 197 -4.11 36.02 -6.08
CA LYS D 197 -5.05 36.08 -4.97
C LYS D 197 -4.45 35.62 -3.65
N THR D 198 -3.16 35.33 -3.62
CA THR D 198 -2.50 34.86 -2.41
C THR D 198 -2.31 36.02 -1.42
N ALA D 199 -2.82 35.85 -0.20
CA ALA D 199 -2.58 36.85 0.84
C ALA D 199 -1.24 36.61 1.50
N HIS D 200 -0.63 37.68 2.00
CA HIS D 200 0.66 37.62 2.69
C HIS D 200 1.68 36.87 1.85
N LEU D 201 1.81 37.29 0.58
CA LEU D 201 2.78 36.63 -0.29
C LEU D 201 4.17 36.61 0.31
N ASP D 202 4.54 37.65 1.07
CA ASP D 202 5.87 37.70 1.67
C ASP D 202 6.08 36.53 2.63
N GLU D 203 5.09 36.24 3.48
CA GLU D 203 5.23 35.10 4.38
C GLU D 203 5.28 33.78 3.60
N GLU D 204 4.41 33.64 2.58
CA GLU D 204 4.40 32.41 1.79
C GLU D 204 5.76 32.18 1.15
N VAL D 205 6.32 33.23 0.53
CA VAL D 205 7.62 33.11 -0.13
C VAL D 205 8.69 32.73 0.87
N ASN D 206 8.59 33.26 2.10
CA ASN D 206 9.60 32.96 3.11
C ASN D 206 9.62 31.49 3.52
N LYS D 207 8.63 30.68 3.14
CA LYS D 207 8.65 29.25 3.42
C LYS D 207 9.51 28.45 2.44
N GLY D 208 9.93 29.04 1.33
CA GLY D 208 10.59 28.27 0.29
C GLY D 208 12.07 28.00 0.42
N ASP D 209 12.44 26.73 0.65
CA ASP D 209 13.81 26.28 0.40
C ASP D 209 14.16 26.44 -1.07
N ILE D 210 13.20 26.13 -1.94
CA ILE D 210 13.29 26.35 -3.37
C ILE D 210 12.19 27.35 -3.70
N LEU D 211 12.54 28.35 -4.49
CA LEU D 211 11.60 29.37 -4.90
C LEU D 211 11.71 29.58 -6.39
N VAL D 212 10.58 29.42 -7.07
CA VAL D 212 10.55 29.73 -8.53
C VAL D 212 9.51 30.84 -8.69
N VAL D 213 9.90 31.93 -9.34
CA VAL D 213 9.04 33.08 -9.53
C VAL D 213 8.75 33.25 -11.01
N ALA D 214 7.48 33.29 -11.37
CA ALA D 214 7.01 33.28 -12.76
C ALA D 214 5.79 34.20 -12.91
N THR D 215 5.90 35.43 -12.43
CA THR D 215 4.78 36.36 -12.36
C THR D 215 4.72 37.37 -13.49
N GLY D 216 5.86 37.78 -14.03
CA GLY D 216 5.92 38.88 -14.99
C GLY D 216 5.62 40.23 -14.37
N GLN D 217 6.03 40.43 -13.12
CA GLN D 217 5.84 41.70 -12.41
C GLN D 217 7.21 42.10 -11.91
N PRO D 218 7.86 43.08 -12.55
CA PRO D 218 9.31 43.28 -12.37
C PRO D 218 9.69 43.51 -10.92
N GLU D 219 10.57 42.65 -10.41
CA GLU D 219 11.18 42.79 -9.08
C GLU D 219 10.14 42.92 -7.96
N MET D 220 8.96 42.34 -8.15
CA MET D 220 7.96 42.35 -7.07
C MET D 220 8.42 41.54 -5.87
N VAL D 221 9.18 40.47 -6.08
CA VAL D 221 9.59 39.60 -4.98
C VAL D 221 10.82 40.22 -4.30
N LYS D 222 10.63 40.72 -3.09
CA LYS D 222 11.67 41.47 -2.40
C LYS D 222 12.69 40.53 -1.75
N GLY D 223 13.95 40.95 -1.77
CA GLY D 223 15.01 40.13 -1.18
C GLY D 223 14.73 39.79 0.27
N GLU D 224 14.09 40.70 1.01
CA GLU D 224 13.78 40.45 2.41
C GLU D 224 12.88 39.23 2.58
N TRP D 225 11.99 38.97 1.61
CA TRP D 225 11.06 37.85 1.68
C TRP D 225 11.77 36.52 1.63
N ILE D 226 12.88 36.44 0.90
CA ILE D 226 13.55 35.17 0.64
C ILE D 226 13.99 34.51 1.94
N LYS D 227 13.79 33.20 2.02
CA LYS D 227 14.30 32.42 3.15
C LYS D 227 15.82 32.33 3.06
N PRO D 228 16.55 32.61 4.15
CA PRO D 228 18.02 32.52 4.10
C PRO D 228 18.49 31.15 3.62
N GLY D 229 19.32 31.14 2.57
CA GLY D 229 19.77 29.89 2.00
C GLY D 229 18.92 29.34 0.87
N ALA D 230 17.86 30.03 0.48
CA ALA D 230 16.97 29.54 -0.58
C ALA D 230 17.69 29.40 -1.91
N ILE D 231 17.19 28.48 -2.73
CA ILE D 231 17.54 28.41 -4.14
C ILE D 231 16.50 29.25 -4.88
N VAL D 232 16.94 30.32 -5.55
CA VAL D 232 16.02 31.29 -6.15
C VAL D 232 16.12 31.21 -7.67
N ILE D 233 15.01 30.83 -8.30
CA ILE D 233 14.91 30.67 -9.75
C ILE D 233 13.93 31.73 -10.25
N ASP D 234 14.42 32.65 -11.09
CA ASP D 234 13.66 33.80 -11.56
C ASP D 234 13.38 33.58 -13.05
N CYS D 235 12.10 33.43 -13.41
CA CYS D 235 11.69 33.25 -14.79
C CYS D 235 11.36 34.57 -15.48
N GLY D 236 11.38 35.68 -14.75
CA GLY D 236 10.91 36.95 -15.30
C GLY D 236 11.84 37.52 -16.36
N ILE D 237 11.23 38.11 -17.39
CA ILE D 237 11.92 38.88 -18.43
C ILE D 237 11.07 40.13 -18.60
N ASN D 238 11.44 41.22 -17.94
CA ASN D 238 10.62 42.44 -17.92
C ASN D 238 11.42 43.62 -18.47
N TYR D 239 10.73 44.49 -19.22
CA TYR D 239 11.36 45.72 -19.76
C TYR D 239 10.83 46.99 -19.08
N LYS D 250 16.04 48.61 -19.82
CA LYS D 250 16.77 47.45 -19.31
C LYS D 250 15.85 46.25 -19.12
N VAL D 251 16.45 45.09 -18.87
CA VAL D 251 15.71 43.86 -18.55
C VAL D 251 15.97 43.51 -17.09
N VAL D 252 14.90 43.26 -16.34
CA VAL D 252 14.97 42.79 -14.97
C VAL D 252 14.00 41.61 -14.81
N GLY D 253 14.26 40.80 -13.79
CA GLY D 253 13.44 39.65 -13.49
C GLY D 253 12.29 39.98 -12.56
N ASP D 254 11.62 38.93 -12.09
CA ASP D 254 10.52 39.10 -11.15
C ASP D 254 11.02 39.18 -9.71
N VAL D 255 12.30 38.99 -9.47
CA VAL D 255 12.92 39.03 -8.15
C VAL D 255 13.89 40.21 -8.09
N ALA D 256 13.87 40.93 -6.96
CA ALA D 256 14.81 42.04 -6.74
C ALA D 256 16.19 41.44 -6.50
N TYR D 257 16.99 41.39 -7.58
CA TYR D 257 18.15 40.50 -7.63
C TYR D 257 19.18 40.84 -6.55
N ASP D 258 19.58 42.11 -6.44
CA ASP D 258 20.68 42.44 -5.55
C ASP D 258 20.31 42.23 -4.09
N GLU D 259 19.07 42.56 -3.70
CA GLU D 259 18.61 42.24 -2.35
C GLU D 259 18.56 40.74 -2.13
N ALA D 260 18.10 39.99 -3.15
CA ALA D 260 17.95 38.55 -3.00
C ALA D 260 19.31 37.85 -2.92
N LYS D 261 20.35 38.41 -3.55
CA LYS D 261 21.65 37.76 -3.55
C LYS D 261 22.25 37.69 -2.15
N GLU D 262 21.81 38.54 -1.23
CA GLU D 262 22.33 38.54 0.14
C GLU D 262 21.79 37.40 0.99
N ARG D 263 20.63 36.86 0.64
CA ARG D 263 19.98 35.82 1.43
C ARG D 263 20.08 34.44 0.80
N ALA D 264 19.96 34.34 -0.51
CA ALA D 264 19.94 33.04 -1.17
C ALA D 264 21.31 32.37 -1.10
N SER D 265 21.29 31.05 -1.27
CA SER D 265 22.52 30.33 -1.51
C SER D 265 22.81 30.21 -3.00
N PHE D 266 21.77 30.21 -3.83
CA PHE D 266 21.91 30.13 -5.29
C PHE D 266 20.83 31.00 -5.91
N ILE D 267 21.17 31.70 -7.00
CA ILE D 267 20.21 32.59 -7.66
C ILE D 267 20.54 32.68 -9.14
N THR D 268 19.48 32.75 -9.97
CA THR D 268 19.58 32.92 -11.41
C THR D 268 19.61 34.40 -11.76
N PRO D 269 20.57 34.86 -12.57
CA PRO D 269 20.55 36.26 -13.02
C PRO D 269 19.56 36.45 -14.16
N VAL D 270 19.13 37.71 -14.35
CA VAL D 270 18.29 38.08 -15.47
C VAL D 270 18.93 39.24 -16.22
N PRO D 271 19.31 39.07 -17.50
CA PRO D 271 19.15 37.87 -18.33
C PRO D 271 20.26 36.85 -18.07
N GLY D 272 20.35 35.80 -18.88
CA GLY D 272 21.40 34.83 -18.74
C GLY D 272 21.14 33.73 -17.74
N GLY D 273 19.89 33.59 -17.27
CA GLY D 273 19.54 32.54 -16.34
C GLY D 273 18.61 31.49 -16.93
N VAL D 274 17.31 31.64 -16.66
CA VAL D 274 16.32 30.66 -17.13
C VAL D 274 16.20 30.69 -18.64
N GLY D 275 16.20 31.89 -19.23
CA GLY D 275 16.02 32.08 -20.65
C GLY D 275 16.78 31.12 -21.57
N PRO D 276 18.12 31.11 -21.49
CA PRO D 276 18.87 30.15 -22.32
C PRO D 276 18.57 28.69 -22.00
N MET D 277 18.24 28.39 -20.74
CA MET D 277 17.85 27.03 -20.39
C MET D 277 16.56 26.62 -21.08
N THR D 278 15.59 27.55 -21.16
CA THR D 278 14.35 27.26 -21.88
C THR D 278 14.64 26.80 -23.30
N VAL D 279 15.54 27.50 -23.99
CA VAL D 279 15.79 27.17 -25.38
C VAL D 279 16.51 25.84 -25.52
N ALA D 280 17.48 25.58 -24.64
CA ALA D 280 18.22 24.31 -24.71
C ALA D 280 17.31 23.12 -24.42
N MET D 281 16.37 23.27 -23.49
CA MET D 281 15.47 22.16 -23.19
C MET D 281 14.51 21.87 -24.35
N LEU D 282 14.09 22.90 -25.10
CA LEU D 282 13.31 22.64 -26.31
C LEU D 282 14.11 21.81 -27.30
N MET D 283 15.39 22.16 -27.50
CA MET D 283 16.26 21.37 -28.35
C MET D 283 16.42 19.96 -27.81
N GLN D 284 16.59 19.83 -26.50
CA GLN D 284 16.72 18.50 -25.92
C GLN D 284 15.49 17.66 -26.22
N SER D 285 14.30 18.22 -25.99
CA SER D 285 13.09 17.48 -26.32
C SER D 285 12.97 17.19 -27.81
N THR D 286 13.49 18.07 -28.68
CA THR D 286 13.40 17.79 -30.12
C THR D 286 14.26 16.59 -30.49
N VAL D 287 15.49 16.55 -29.99
CA VAL D 287 16.35 15.38 -30.19
C VAL D 287 15.69 14.13 -29.63
N GLU D 288 15.09 14.23 -28.45
CA GLU D 288 14.39 13.07 -27.88
C GLU D 288 13.29 12.59 -28.80
N SER D 289 12.49 13.53 -29.35
CA SER D 289 11.43 13.11 -30.28
C SER D 289 12.01 12.52 -31.56
N ALA D 290 13.19 12.98 -31.99
CA ALA D 290 13.83 12.39 -33.16
C ALA D 290 14.30 10.97 -32.88
N LYS D 291 14.86 10.74 -31.70
CA LYS D 291 15.26 9.38 -31.32
C LYS D 291 14.06 8.45 -31.22
N ARG D 292 13.03 8.87 -30.49
CA ARG D 292 11.81 8.05 -30.33
C ARG D 292 11.28 7.65 -31.71
N PHE D 293 11.33 8.59 -32.65
CA PHE D 293 10.82 8.32 -34.01
C PHE D 293 11.65 7.21 -34.64
N LEU D 294 12.97 7.32 -34.57
CA LEU D 294 13.82 6.28 -35.15
C LEU D 294 13.48 4.91 -34.58
N GLU D 295 13.26 4.82 -33.28
CA GLU D 295 12.89 3.56 -32.64
C GLU D 295 11.43 3.20 -32.93
#